data_5NST
#
_entry.id   5NST
#
_cell.length_a   169.823
_cell.length_b   86.462
_cell.length_c   103.998
_cell.angle_alpha   90.00
_cell.angle_beta   126.65
_cell.angle_gamma   90.00
#
_symmetry.space_group_name_H-M   'C 1 2 1'
#
loop_
_entity.id
_entity.type
_entity.pdbx_description
1 polymer 'Light Chain of antibody MGD21'
2 polymer 'Heavy Chain of antibody MGD21'
3 non-polymer GLYCEROL
4 non-polymer 2-acetamido-2-deoxy-beta-D-glucopyranose
5 water water
#
loop_
_entity_poly.entity_id
_entity_poly.type
_entity_poly.pdbx_seq_one_letter_code
_entity_poly.pdbx_strand_id
1 'polypeptide(L)'
;AIRMTQSPSSLSASPGDKVSITCRASQHINDSLAWFQQRPGKAPKLLIYGASNLHSGVPSRFSGTGSGTDFTLTITGLQS
EDFATYFCQQCNCFPPDFGQGTRLEIKRADAAPTVSIFPPSSEQLTSGGASVVCFLNNFYPKDINVKWKIDGSERQNGVL
NSWTDQDSKDSTYSMSSTLTLTKDEYERHNSYTCEATHKTSTSPIVKSFNRNEC
;
A,C
2 'polypeptide(L)'
;EVQLVETGPGLMKTSGTLSLTCAVSGDYVNTNRRWSWVRQAPGKGLEWIGEVHQSGRTNYNPSLKSRVTISVDKSKNQFS
LKVDSVTAADTAVYYCARASPLKSQRDTDLPRPSISAEPGTVIPLGSHVTFVCRGPVGVQTFRLERERNYLYSDTEDVSQ
TSPSESEARFRIDSVNAGNAGLFRCIYYKSRKWSEQSDYLELVVKGEDVTWALSQSQDDPRACPQGELPISTDIYYVDVW
GNGTTVTVSSAKTTPPSVYPLAPGSAAQTNSMVTLGCLVKGYFPEPVTVTWNSGSLSSGVHTFPAVLQSDLYTLSSSVTV
PSSTWPSETVTCNVAHPASSTKVDKKIVPRDCGKHHHHHH
;
B,D
#
# COMPACT_ATOMS: atom_id res chain seq x y z
N ILE A 2 -29.40 6.37 -15.11
CA ILE A 2 -28.48 5.58 -15.93
C ILE A 2 -27.81 4.52 -15.05
N ARG A 3 -28.05 3.24 -15.37
CA ARG A 3 -27.48 2.11 -14.62
C ARG A 3 -26.03 1.83 -15.06
N MET A 4 -25.17 1.58 -14.08
CA MET A 4 -23.76 1.27 -14.29
C MET A 4 -23.63 -0.16 -13.84
N THR A 5 -23.09 -1.03 -14.71
CA THR A 5 -22.96 -2.45 -14.38
C THR A 5 -21.47 -2.85 -14.44
N GLN A 6 -20.92 -3.13 -13.22
CA GLN A 6 -19.54 -3.56 -13.08
C GLN A 6 -19.45 -5.08 -13.11
N SER A 7 -18.39 -5.59 -13.73
CA SER A 7 -18.17 -7.04 -13.85
C SER A 7 -16.68 -7.39 -13.83
N PRO A 8 -16.28 -8.48 -13.17
CA PRO A 8 -17.10 -9.40 -12.36
C PRO A 8 -17.41 -8.78 -10.98
N SER A 9 -18.24 -9.45 -10.19
CA SER A 9 -18.55 -9.02 -8.82
C SER A 9 -17.29 -9.22 -7.95
N SER A 10 -16.52 -10.28 -8.26
CA SER A 10 -15.31 -10.67 -7.56
C SER A 10 -14.26 -11.24 -8.52
N LEU A 11 -13.00 -10.86 -8.29
CA LEU A 11 -11.89 -11.32 -9.09
C LEU A 11 -10.74 -11.69 -8.15
N SER A 12 -10.13 -12.87 -8.39
CA SER A 12 -9.00 -13.41 -7.64
C SER A 12 -7.70 -13.32 -8.46
N ALA A 13 -6.67 -12.72 -7.88
CA ALA A 13 -5.35 -12.61 -8.52
C ALA A 13 -4.28 -12.59 -7.46
N SER A 14 -3.02 -12.64 -7.87
CA SER A 14 -1.87 -12.61 -6.98
C SER A 14 -0.92 -11.43 -7.28
N PRO A 15 -0.09 -10.98 -6.31
CA PRO A 15 0.84 -9.86 -6.59
C PRO A 15 1.74 -10.08 -7.80
N GLY A 16 1.92 -9.03 -8.58
CA GLY A 16 2.73 -9.06 -9.79
C GLY A 16 1.93 -9.23 -11.07
N ASP A 17 0.64 -9.63 -10.93
CA ASP A 17 -0.32 -9.90 -12.00
C ASP A 17 -0.85 -8.66 -12.72
N LYS A 18 -1.30 -8.84 -13.98
CA LYS A 18 -2.00 -7.82 -14.79
C LYS A 18 -3.47 -8.26 -14.80
N VAL A 19 -4.39 -7.36 -14.39
CA VAL A 19 -5.84 -7.63 -14.32
C VAL A 19 -6.65 -6.49 -14.98
N SER A 20 -7.94 -6.73 -15.24
CA SER A 20 -8.84 -5.75 -15.88
C SER A 20 -10.26 -5.91 -15.38
N ILE A 21 -10.91 -4.78 -15.03
CA ILE A 21 -12.30 -4.71 -14.51
C ILE A 21 -13.16 -3.93 -15.52
N THR A 22 -14.37 -4.40 -15.79
CA THR A 22 -15.26 -3.72 -16.73
C THR A 22 -16.35 -2.91 -16.01
N CYS A 23 -16.82 -1.83 -16.66
CA CYS A 23 -17.94 -0.98 -16.23
C CYS A 23 -18.74 -0.63 -17.47
N ARG A 24 -20.03 -1.03 -17.52
CA ARG A 24 -20.92 -0.74 -18.65
C ARG A 24 -22.07 0.21 -18.25
N ALA A 25 -22.32 1.26 -19.07
CA ALA A 25 -23.40 2.22 -18.88
C ALA A 25 -24.61 1.79 -19.72
N SER A 26 -25.83 2.00 -19.19
CA SER A 26 -27.04 1.60 -19.91
C SER A 26 -27.31 2.50 -21.14
N GLN A 27 -26.71 3.69 -21.16
CA GLN A 27 -26.82 4.69 -22.23
C GLN A 27 -25.42 5.31 -22.48
N HIS A 28 -25.21 5.90 -23.67
CA HIS A 28 -23.97 6.59 -24.03
C HIS A 28 -23.68 7.72 -23.05
N ILE A 29 -22.47 7.75 -22.51
CA ILE A 29 -22.10 8.75 -21.52
C ILE A 29 -20.75 9.39 -21.87
N ASN A 30 -20.37 9.30 -23.15
CA ASN A 30 -19.11 9.86 -23.66
C ASN A 30 -17.91 9.34 -22.84
N ASP A 31 -17.10 10.25 -22.27
CA ASP A 31 -15.97 9.87 -21.44
C ASP A 31 -16.19 10.36 -19.97
N SER A 32 -17.43 10.66 -19.57
CA SER A 32 -17.73 11.19 -18.23
C SER A 32 -17.76 10.13 -17.10
N LEU A 33 -16.69 9.32 -16.97
CA LEU A 33 -16.63 8.24 -16.00
C LEU A 33 -15.43 8.36 -15.08
N ALA A 34 -15.66 8.18 -13.77
CA ALA A 34 -14.61 8.20 -12.76
C ALA A 34 -14.42 6.82 -12.09
N TRP A 35 -13.19 6.52 -11.64
CA TRP A 35 -12.87 5.29 -10.92
C TRP A 35 -12.43 5.64 -9.51
N PHE A 36 -13.04 4.98 -8.53
CA PHE A 36 -12.73 5.14 -7.11
C PHE A 36 -12.17 3.84 -6.57
N GLN A 37 -11.28 3.95 -5.56
CA GLN A 37 -10.68 2.81 -4.85
C GLN A 37 -11.05 2.90 -3.37
N GLN A 38 -11.48 1.75 -2.78
CA GLN A 38 -11.80 1.65 -1.38
C GLN A 38 -11.18 0.39 -0.75
N ARG A 39 -10.23 0.61 0.16
CA ARG A 39 -9.56 -0.46 0.90
C ARG A 39 -10.43 -0.79 2.14
N PRO A 40 -10.46 -2.07 2.60
CA PRO A 40 -11.24 -2.40 3.83
C PRO A 40 -10.96 -1.49 5.04
N GLY A 41 -12.02 -1.06 5.70
CA GLY A 41 -11.97 -0.11 6.81
C GLY A 41 -11.72 1.35 6.45
N LYS A 42 -11.52 1.70 5.13
CA LYS A 42 -11.15 3.08 4.75
C LYS A 42 -12.17 3.83 3.88
N ALA A 43 -12.00 5.17 3.77
CA ALA A 43 -12.83 6.09 2.95
C ALA A 43 -12.45 5.97 1.48
N PRO A 44 -13.33 6.25 0.49
CA PRO A 44 -12.93 6.12 -0.92
C PRO A 44 -11.83 7.08 -1.38
N LYS A 45 -11.26 6.82 -2.57
CA LYS A 45 -10.17 7.59 -3.18
C LYS A 45 -10.35 7.67 -4.69
N LEU A 46 -10.27 8.87 -5.26
CA LEU A 46 -10.35 9.10 -6.72
C LEU A 46 -9.06 8.63 -7.38
N LEU A 47 -9.20 7.79 -8.40
CA LEU A 47 -8.05 7.28 -9.15
C LEU A 47 -8.03 7.88 -10.52
N ILE A 48 -9.11 7.66 -11.27
CA ILE A 48 -9.23 8.07 -12.66
C ILE A 48 -10.46 8.91 -12.86
N TYR A 49 -10.30 10.01 -13.60
CA TYR A 49 -11.42 10.87 -13.99
C TYR A 49 -11.41 10.99 -15.52
N GLY A 50 -12.53 11.40 -16.09
CA GLY A 50 -12.69 11.55 -17.53
C GLY A 50 -12.34 10.29 -18.29
N ALA A 51 -12.72 9.11 -17.76
CA ALA A 51 -12.48 7.77 -18.31
C ALA A 51 -11.00 7.33 -18.29
N SER A 52 -10.10 8.21 -18.78
CA SER A 52 -8.69 7.90 -19.00
C SER A 52 -7.64 8.71 -18.26
N ASN A 53 -8.07 9.79 -17.55
CA ASN A 53 -7.12 10.69 -16.88
C ASN A 53 -6.82 10.29 -15.44
N LEU A 54 -5.53 10.09 -15.17
CA LEU A 54 -5.01 9.74 -13.85
C LEU A 54 -5.05 10.95 -12.94
N HIS A 55 -5.67 10.79 -11.77
CA HIS A 55 -5.68 11.86 -10.78
C HIS A 55 -4.21 12.01 -10.21
N SER A 56 -3.82 13.22 -9.87
CA SER A 56 -2.50 13.57 -9.33
C SER A 56 -2.10 12.68 -8.13
N GLY A 57 -0.97 11.98 -8.28
CA GLY A 57 -0.37 11.12 -7.26
C GLY A 57 -0.80 9.66 -7.23
N VAL A 58 -1.39 9.15 -8.32
CA VAL A 58 -1.85 7.75 -8.50
C VAL A 58 -0.80 7.03 -9.40
N PRO A 59 -0.32 5.81 -9.03
CA PRO A 59 0.69 5.13 -9.87
C PRO A 59 0.27 4.84 -11.32
N SER A 60 1.26 4.84 -12.24
CA SER A 60 1.08 4.61 -13.67
C SER A 60 0.65 3.18 -14.01
N ARG A 61 0.56 2.30 -12.99
CA ARG A 61 0.04 0.93 -13.12
C ARG A 61 -1.44 1.01 -13.42
N PHE A 62 -2.11 2.01 -12.80
CA PHE A 62 -3.53 2.21 -12.97
C PHE A 62 -3.72 2.94 -14.28
N SER A 63 -4.50 2.33 -15.19
CA SER A 63 -4.84 2.85 -16.50
C SER A 63 -6.35 2.64 -16.72
N GLY A 64 -7.02 3.71 -17.17
CA GLY A 64 -8.46 3.70 -17.44
C GLY A 64 -8.68 3.94 -18.92
N THR A 65 -9.67 3.25 -19.49
CA THR A 65 -9.94 3.29 -20.92
C THR A 65 -11.45 3.18 -21.19
N GLY A 66 -11.91 3.81 -22.26
CA GLY A 66 -13.30 3.70 -22.66
C GLY A 66 -14.00 4.94 -23.15
N SER A 67 -15.07 4.71 -23.92
CA SER A 67 -15.93 5.74 -24.50
C SER A 67 -17.33 5.19 -24.72
N GLY A 68 -18.32 6.05 -24.53
CA GLY A 68 -19.72 5.69 -24.76
C GLY A 68 -20.33 4.86 -23.65
N THR A 69 -20.33 3.53 -23.83
CA THR A 69 -20.98 2.60 -22.89
C THR A 69 -20.05 1.62 -22.17
N ASP A 70 -18.87 1.31 -22.75
CA ASP A 70 -17.94 0.35 -22.16
C ASP A 70 -16.67 0.99 -21.65
N PHE A 71 -16.36 0.73 -20.35
CA PHE A 71 -15.22 1.32 -19.67
C PHE A 71 -14.41 0.24 -18.96
N THR A 72 -13.07 0.35 -19.02
CA THR A 72 -12.15 -0.62 -18.42
C THR A 72 -11.11 0.03 -17.50
N LEU A 73 -10.77 -0.70 -16.41
CA LEU A 73 -9.74 -0.38 -15.44
C LEU A 73 -8.70 -1.51 -15.43
N THR A 74 -7.44 -1.16 -15.74
CA THR A 74 -6.28 -2.06 -15.83
C THR A 74 -5.23 -1.70 -14.79
N ILE A 75 -4.82 -2.71 -14.01
CA ILE A 75 -3.78 -2.60 -12.99
C ILE A 75 -2.79 -3.66 -13.39
N THR A 76 -1.59 -3.22 -13.79
CA THR A 76 -0.49 -4.07 -14.22
C THR A 76 0.53 -4.10 -13.08
N GLY A 77 0.95 -5.29 -12.68
CA GLY A 77 1.92 -5.50 -11.62
C GLY A 77 1.37 -5.10 -10.27
N LEU A 78 0.39 -5.88 -9.79
CA LEU A 78 -0.34 -5.68 -8.54
C LEU A 78 0.54 -5.72 -7.31
N GLN A 79 0.23 -4.82 -6.35
CA GLN A 79 0.88 -4.71 -5.04
C GLN A 79 -0.15 -4.95 -3.99
N SER A 80 0.28 -5.32 -2.77
CA SER A 80 -0.61 -5.65 -1.64
C SER A 80 -1.70 -4.63 -1.39
N GLU A 81 -1.38 -3.34 -1.56
CA GLU A 81 -2.30 -2.23 -1.33
C GLU A 81 -3.37 -2.09 -2.40
N ASP A 82 -3.26 -2.87 -3.51
CA ASP A 82 -4.20 -2.81 -4.63
C ASP A 82 -5.43 -3.77 -4.46
N PHE A 83 -5.39 -4.61 -3.45
CA PHE A 83 -6.47 -5.53 -3.15
C PHE A 83 -7.51 -4.72 -2.37
N ALA A 84 -8.57 -4.34 -3.09
CA ALA A 84 -9.59 -3.43 -2.61
C ALA A 84 -10.89 -3.53 -3.43
N THR A 85 -11.87 -2.70 -3.08
CA THR A 85 -13.12 -2.59 -3.83
C THR A 85 -13.01 -1.38 -4.79
N TYR A 86 -13.46 -1.58 -6.03
CA TYR A 86 -13.40 -0.54 -7.06
C TYR A 86 -14.78 -0.23 -7.55
N PHE A 87 -15.12 1.07 -7.55
CA PHE A 87 -16.41 1.58 -8.03
C PHE A 87 -16.22 2.53 -9.21
N CYS A 88 -17.08 2.40 -10.22
CA CYS A 88 -17.11 3.31 -11.35
C CYS A 88 -18.33 4.22 -11.13
N GLN A 89 -18.27 5.45 -11.63
CA GLN A 89 -19.36 6.43 -11.48
C GLN A 89 -19.59 7.26 -12.78
N GLN A 90 -20.87 7.42 -13.20
CA GLN A 90 -21.24 8.27 -14.35
C GLN A 90 -21.43 9.68 -13.81
N CYS A 91 -20.80 10.68 -14.44
CA CYS A 91 -20.91 12.03 -13.90
C CYS A 91 -21.56 13.04 -14.84
N ASN A 92 -22.14 12.56 -15.98
CA ASN A 92 -22.79 13.45 -16.96
C ASN A 92 -24.23 13.81 -16.60
N CYS A 93 -25.03 12.83 -16.12
CA CYS A 93 -26.45 13.03 -15.81
C CYS A 93 -26.79 12.94 -14.37
N PHE A 94 -27.82 13.67 -13.96
CA PHE A 94 -28.35 13.63 -12.60
C PHE A 94 -29.33 12.42 -12.46
N PRO A 95 -29.25 11.60 -11.39
CA PRO A 95 -28.23 11.58 -10.35
C PRO A 95 -26.94 10.92 -10.83
N PRO A 96 -25.75 11.38 -10.38
CA PRO A 96 -24.51 10.73 -10.83
C PRO A 96 -24.28 9.45 -10.00
N ASP A 97 -24.93 8.36 -10.45
CA ASP A 97 -24.94 7.08 -9.75
C ASP A 97 -23.72 6.18 -9.98
N PHE A 98 -23.31 5.54 -8.88
CA PHE A 98 -22.21 4.61 -8.77
C PHE A 98 -22.58 3.22 -9.29
N GLY A 99 -21.54 2.45 -9.62
CA GLY A 99 -21.66 1.04 -9.99
C GLY A 99 -21.75 0.24 -8.70
N GLN A 100 -22.01 -1.06 -8.76
CA GLN A 100 -22.15 -1.83 -7.51
C GLN A 100 -20.79 -2.32 -6.93
N GLY A 101 -19.69 -2.09 -7.64
CA GLY A 101 -18.35 -2.44 -7.16
C GLY A 101 -17.84 -3.78 -7.59
N THR A 102 -16.52 -3.91 -7.65
CA THR A 102 -15.81 -5.15 -7.97
C THR A 102 -14.76 -5.31 -6.89
N ARG A 103 -14.81 -6.44 -6.16
CA ARG A 103 -13.85 -6.73 -5.10
C ARG A 103 -12.69 -7.55 -5.67
N LEU A 104 -11.48 -7.02 -5.48
CA LEU A 104 -10.23 -7.63 -5.91
C LEU A 104 -9.60 -8.26 -4.69
N GLU A 105 -9.54 -9.61 -4.68
CA GLU A 105 -9.05 -10.37 -3.53
C GLU A 105 -7.80 -11.20 -3.87
N ILE A 106 -7.07 -11.67 -2.85
CA ILE A 106 -5.84 -12.46 -3.02
C ILE A 106 -6.15 -13.95 -3.32
N LYS A 107 -5.70 -14.44 -4.49
CA LYS A 107 -5.83 -15.85 -4.88
C LYS A 107 -4.73 -16.67 -4.20
N ARG A 108 -5.07 -17.31 -3.09
CA ARG A 108 -4.17 -18.21 -2.36
C ARG A 108 -4.59 -19.67 -2.66
N ALA A 109 -3.81 -20.65 -2.14
CA ALA A 109 -4.07 -22.08 -2.31
C ALA A 109 -5.39 -22.46 -1.64
N ASP A 110 -6.14 -23.43 -2.24
CA ASP A 110 -7.41 -23.86 -1.65
C ASP A 110 -7.14 -24.45 -0.30
N ALA A 111 -8.05 -24.25 0.66
CA ALA A 111 -7.95 -24.70 2.04
C ALA A 111 -9.34 -25.05 2.54
N ALA A 112 -9.49 -26.26 3.14
CA ALA A 112 -10.76 -26.73 3.68
C ALA A 112 -11.08 -26.05 5.02
N PRO A 113 -12.38 -25.92 5.39
CA PRO A 113 -12.72 -25.32 6.70
C PRO A 113 -12.46 -26.20 7.92
N THR A 114 -12.10 -25.57 9.07
CA THR A 114 -11.97 -26.26 10.36
C THR A 114 -13.29 -26.03 11.10
N VAL A 115 -14.10 -27.08 11.14
CA VAL A 115 -15.44 -27.09 11.70
C VAL A 115 -15.45 -27.51 13.16
N SER A 116 -16.07 -26.65 14.02
CA SER A 116 -16.23 -26.85 15.47
C SER A 116 -17.67 -26.60 15.84
N ILE A 117 -18.23 -27.46 16.70
CA ILE A 117 -19.59 -27.37 17.22
C ILE A 117 -19.53 -27.22 18.76
N PHE A 118 -20.34 -26.31 19.31
CA PHE A 118 -20.42 -26.06 20.75
C PHE A 118 -21.86 -26.08 21.26
N PRO A 119 -22.10 -26.89 22.31
CA PRO A 119 -23.43 -26.91 22.90
C PRO A 119 -23.71 -25.69 23.77
N PRO A 120 -25.00 -25.41 24.11
CA PRO A 120 -25.29 -24.30 25.02
C PRO A 120 -24.50 -24.38 26.32
N SER A 121 -24.06 -23.22 26.82
CA SER A 121 -23.34 -23.17 28.09
C SER A 121 -24.31 -23.42 29.28
N SER A 122 -23.78 -23.94 30.42
CA SER A 122 -24.61 -24.20 31.62
C SER A 122 -25.18 -22.91 32.23
N GLU A 123 -24.55 -21.74 31.93
CA GLU A 123 -24.98 -20.41 32.38
C GLU A 123 -26.14 -19.90 31.53
N GLN A 124 -26.05 -20.07 30.17
CA GLN A 124 -27.14 -19.72 29.24
C GLN A 124 -28.37 -20.59 29.49
N LEU A 125 -28.18 -21.92 29.71
CA LEU A 125 -29.28 -22.85 29.96
C LEU A 125 -30.00 -22.50 31.25
N THR A 126 -29.25 -22.20 32.34
CA THR A 126 -29.90 -21.90 33.63
C THR A 126 -30.38 -20.43 33.66
N SER A 127 -30.95 -19.97 32.53
CA SER A 127 -31.55 -18.67 32.30
C SER A 127 -32.67 -18.76 31.22
N GLY A 128 -32.96 -19.99 30.77
CA GLY A 128 -34.02 -20.29 29.82
C GLY A 128 -33.70 -20.33 28.34
N GLY A 129 -32.44 -20.06 27.97
CA GLY A 129 -32.00 -20.03 26.58
C GLY A 129 -31.05 -21.14 26.17
N ALA A 130 -31.01 -21.46 24.87
CA ALA A 130 -30.16 -22.50 24.29
C ALA A 130 -29.66 -22.23 22.83
N SER A 131 -28.41 -21.69 22.68
CA SER A 131 -27.75 -21.43 21.40
C SER A 131 -26.66 -22.47 21.11
N VAL A 132 -26.80 -23.14 19.96
CA VAL A 132 -25.84 -24.11 19.46
C VAL A 132 -24.98 -23.35 18.41
N VAL A 133 -23.67 -23.18 18.70
CA VAL A 133 -22.76 -22.42 17.84
C VAL A 133 -21.81 -23.35 17.07
N CYS A 134 -21.64 -23.05 15.79
CA CYS A 134 -20.74 -23.77 14.91
C CYS A 134 -19.78 -22.78 14.25
N PHE A 135 -18.47 -23.10 14.19
CA PHE A 135 -17.44 -22.30 13.52
C PHE A 135 -16.89 -23.07 12.31
N LEU A 136 -16.76 -22.37 11.17
CA LEU A 136 -16.24 -22.83 9.88
C LEU A 136 -15.10 -21.85 9.56
N ASN A 137 -13.88 -22.14 10.06
CA ASN A 137 -12.72 -21.25 10.01
C ASN A 137 -11.64 -21.60 9.03
N ASN A 138 -11.01 -20.53 8.51
CA ASN A 138 -9.85 -20.50 7.64
C ASN A 138 -9.97 -21.39 6.43
N PHE A 139 -10.91 -21.07 5.57
CA PHE A 139 -11.13 -21.82 4.34
C PHE A 139 -10.93 -20.90 3.15
N TYR A 140 -10.54 -21.48 2.02
CA TYR A 140 -10.40 -20.78 0.76
C TYR A 140 -10.88 -21.71 -0.40
N PRO A 141 -11.69 -21.23 -1.39
CA PRO A 141 -12.22 -19.86 -1.60
C PRO A 141 -13.37 -19.49 -0.68
N LYS A 142 -13.97 -18.31 -0.89
CA LYS A 142 -15.08 -17.75 -0.13
C LYS A 142 -16.37 -18.60 -0.07
N ASP A 143 -16.73 -19.29 -1.17
CA ASP A 143 -17.97 -20.07 -1.34
C ASP A 143 -18.04 -21.35 -0.48
N ILE A 144 -18.97 -21.31 0.50
CA ILE A 144 -19.26 -22.33 1.49
C ILE A 144 -20.78 -22.42 1.78
N ASN A 145 -21.26 -23.60 2.11
CA ASN A 145 -22.67 -23.83 2.43
C ASN A 145 -22.78 -24.49 3.84
N VAL A 146 -23.60 -23.90 4.75
CA VAL A 146 -23.81 -24.48 6.08
C VAL A 146 -25.25 -25.08 6.20
N LYS A 147 -25.40 -26.19 6.96
CA LYS A 147 -26.67 -26.89 7.21
C LYS A 147 -26.73 -27.47 8.62
N TRP A 148 -27.89 -27.31 9.30
CA TRP A 148 -28.15 -27.84 10.64
C TRP A 148 -29.17 -28.99 10.61
N LYS A 149 -28.90 -30.04 11.40
CA LYS A 149 -29.74 -31.25 11.49
C LYS A 149 -30.00 -31.61 12.94
N ILE A 150 -31.27 -31.59 13.32
CA ILE A 150 -31.70 -31.97 14.67
C ILE A 150 -32.32 -33.37 14.57
N ASP A 151 -31.64 -34.38 15.14
CA ASP A 151 -32.02 -35.81 15.12
C ASP A 151 -32.21 -36.33 13.68
N GLY A 152 -31.32 -35.89 12.79
CA GLY A 152 -31.30 -36.28 11.40
C GLY A 152 -32.25 -35.53 10.49
N SER A 153 -32.90 -34.46 11.02
CA SER A 153 -33.86 -33.65 10.27
C SER A 153 -33.33 -32.23 10.09
N GLU A 154 -33.34 -31.71 8.83
CA GLU A 154 -32.89 -30.36 8.46
C GLU A 154 -33.67 -29.27 9.24
N ARG A 155 -32.97 -28.19 9.66
CA ARG A 155 -33.54 -27.09 10.44
C ARG A 155 -33.00 -25.72 9.96
N GLN A 156 -33.93 -24.82 9.54
CA GLN A 156 -33.61 -23.47 9.01
C GLN A 156 -34.03 -22.33 9.93
N ASN A 157 -35.15 -22.51 10.67
CA ASN A 157 -35.68 -21.51 11.60
C ASN A 157 -34.74 -21.27 12.80
N GLY A 158 -34.51 -20.01 13.13
CA GLY A 158 -33.68 -19.62 14.26
C GLY A 158 -32.18 -19.72 14.04
N VAL A 159 -31.76 -19.84 12.77
CA VAL A 159 -30.36 -19.92 12.37
C VAL A 159 -29.87 -18.50 11.94
N LEU A 160 -28.77 -18.01 12.55
CA LEU A 160 -28.15 -16.71 12.19
C LEU A 160 -26.71 -16.90 11.83
N ASN A 161 -26.33 -16.43 10.64
CA ASN A 161 -25.00 -16.60 10.07
C ASN A 161 -24.18 -15.30 10.04
N SER A 162 -22.81 -15.41 10.07
CA SER A 162 -21.90 -14.28 10.04
C SER A 162 -20.58 -14.57 9.32
N TRP A 163 -20.19 -13.72 8.36
CA TRP A 163 -18.99 -13.91 7.54
C TRP A 163 -17.97 -12.81 7.73
N THR A 164 -16.70 -13.19 7.96
CA THR A 164 -15.58 -12.25 8.05
C THR A 164 -15.13 -11.86 6.63
N ASP A 165 -14.37 -10.79 6.52
CA ASP A 165 -13.75 -10.33 5.28
C ASP A 165 -12.46 -11.21 5.11
N GLN A 166 -11.84 -11.22 3.90
CA GLN A 166 -10.60 -11.98 3.67
C GLN A 166 -9.57 -11.58 4.72
N ASP A 167 -9.03 -12.57 5.42
CA ASP A 167 -8.03 -12.33 6.46
C ASP A 167 -6.79 -11.61 5.91
N SER A 168 -6.41 -10.51 6.58
CA SER A 168 -5.31 -9.61 6.24
C SER A 168 -3.94 -10.25 6.46
N LYS A 169 -3.91 -11.47 7.01
CA LYS A 169 -2.65 -12.14 7.32
C LYS A 169 -2.42 -13.45 6.57
N ASP A 170 -3.44 -14.34 6.44
CA ASP A 170 -3.29 -15.65 5.80
C ASP A 170 -4.16 -15.82 4.56
N SER A 171 -4.96 -14.76 4.28
CA SER A 171 -5.83 -14.59 3.12
C SER A 171 -7.01 -15.53 3.06
N THR A 172 -7.39 -16.18 4.19
CA THR A 172 -8.52 -17.09 4.25
C THR A 172 -9.82 -16.39 4.64
N TYR A 173 -10.89 -17.16 4.74
CA TYR A 173 -12.22 -16.69 5.11
C TYR A 173 -12.74 -17.54 6.28
N SER A 174 -13.57 -16.93 7.13
CA SER A 174 -14.19 -17.60 8.25
C SER A 174 -15.68 -17.31 8.33
N MET A 175 -16.40 -18.19 9.00
CA MET A 175 -17.85 -18.10 9.11
C MET A 175 -18.32 -18.72 10.43
N SER A 176 -19.38 -18.14 11.02
CA SER A 176 -20.00 -18.49 12.29
C SER A 176 -21.51 -18.62 12.12
N SER A 177 -22.07 -19.78 12.46
CA SER A 177 -23.51 -20.07 12.35
C SER A 177 -24.07 -20.43 13.72
N THR A 178 -25.20 -19.80 14.09
CA THR A 178 -25.82 -20.02 15.40
C THR A 178 -27.29 -20.42 15.30
N LEU A 179 -27.61 -21.59 15.86
CA LEU A 179 -28.97 -22.08 15.94
C LEU A 179 -29.47 -21.77 17.35
N THR A 180 -30.45 -20.85 17.45
CA THR A 180 -31.01 -20.41 18.74
C THR A 180 -32.40 -20.96 18.95
N LEU A 181 -32.65 -21.55 20.13
CA LEU A 181 -33.92 -22.12 20.58
C LEU A 181 -34.07 -21.99 22.09
N THR A 182 -35.22 -22.43 22.65
CA THR A 182 -35.49 -22.38 24.09
C THR A 182 -34.87 -23.59 24.75
N LYS A 183 -34.59 -23.49 26.08
CA LYS A 183 -34.06 -24.57 26.93
C LYS A 183 -35.01 -25.76 26.84
N ASP A 184 -36.33 -25.48 26.79
CA ASP A 184 -37.38 -26.49 26.68
C ASP A 184 -37.28 -27.23 25.33
N GLU A 185 -37.18 -26.49 24.22
CA GLU A 185 -37.05 -27.02 22.87
C GLU A 185 -35.74 -27.85 22.67
N TYR A 186 -34.59 -27.35 23.17
CA TYR A 186 -33.28 -28.00 23.09
C TYR A 186 -33.19 -29.34 23.87
N GLU A 187 -33.95 -29.44 24.98
CA GLU A 187 -33.98 -30.61 25.84
C GLU A 187 -34.87 -31.76 25.31
N ARG A 188 -35.56 -31.57 24.16
CA ARG A 188 -36.43 -32.59 23.54
C ARG A 188 -35.72 -33.49 22.52
N HIS A 189 -34.52 -33.07 22.08
CA HIS A 189 -33.75 -33.80 21.09
C HIS A 189 -32.36 -34.21 21.56
N ASN A 190 -31.74 -35.17 20.87
CA ASN A 190 -30.41 -35.63 21.24
C ASN A 190 -29.30 -35.24 20.24
N SER A 191 -29.44 -35.61 18.94
CA SER A 191 -28.42 -35.36 17.91
C SER A 191 -28.47 -33.96 17.25
N TYR A 192 -27.36 -33.20 17.41
CA TYR A 192 -27.20 -31.86 16.81
C TYR A 192 -26.01 -31.86 15.85
N THR A 193 -26.26 -31.68 14.54
CA THR A 193 -25.23 -31.70 13.49
C THR A 193 -25.01 -30.31 12.80
N CYS A 194 -23.79 -30.09 12.39
CA CYS A 194 -23.39 -28.90 11.66
C CYS A 194 -22.69 -29.45 10.40
N GLU A 195 -23.25 -29.19 9.22
CA GLU A 195 -22.72 -29.71 7.97
C GLU A 195 -22.18 -28.61 7.05
N ALA A 196 -20.91 -28.74 6.63
CA ALA A 196 -20.27 -27.76 5.75
C ALA A 196 -19.92 -28.32 4.36
N THR A 197 -20.51 -27.75 3.29
CA THR A 197 -20.22 -28.12 1.90
C THR A 197 -19.36 -27.01 1.25
N HIS A 198 -18.19 -27.40 0.72
CA HIS A 198 -17.16 -26.52 0.17
C HIS A 198 -16.38 -27.21 -0.96
N LYS A 199 -15.91 -26.42 -1.94
CA LYS A 199 -15.11 -26.81 -3.11
C LYS A 199 -14.07 -27.91 -2.86
N THR A 200 -13.37 -27.88 -1.72
CA THR A 200 -12.28 -28.82 -1.38
C THR A 200 -12.75 -30.27 -1.09
N SER A 201 -14.07 -30.57 -1.16
CA SER A 201 -14.57 -31.92 -0.92
C SER A 201 -15.94 -32.19 -1.54
N THR A 202 -16.14 -33.43 -2.02
CA THR A 202 -17.38 -33.94 -2.61
C THR A 202 -18.41 -34.16 -1.49
N SER A 203 -17.95 -34.83 -0.41
CA SER A 203 -18.73 -35.14 0.78
C SER A 203 -18.63 -33.96 1.76
N PRO A 204 -19.75 -33.50 2.36
CA PRO A 204 -19.65 -32.39 3.33
C PRO A 204 -18.92 -32.77 4.61
N ILE A 205 -18.42 -31.76 5.35
CA ILE A 205 -17.77 -31.99 6.63
C ILE A 205 -18.89 -32.02 7.67
N VAL A 206 -18.99 -33.12 8.44
CA VAL A 206 -20.04 -33.21 9.46
C VAL A 206 -19.43 -33.17 10.85
N LYS A 207 -20.00 -32.33 11.71
CA LYS A 207 -19.60 -32.17 13.12
C LYS A 207 -20.87 -32.27 13.97
N SER A 208 -20.90 -33.26 14.88
CA SER A 208 -22.07 -33.56 15.71
C SER A 208 -21.78 -33.60 17.19
N PHE A 209 -22.86 -33.52 17.96
CA PHE A 209 -22.86 -33.71 19.41
C PHE A 209 -24.19 -34.29 19.84
N ASN A 210 -24.14 -35.11 20.88
CA ASN A 210 -25.29 -35.78 21.45
C ASN A 210 -25.48 -35.38 22.89
N ARG A 211 -26.72 -34.99 23.26
CA ARG A 211 -27.31 -34.67 24.59
C ARG A 211 -27.58 -33.17 24.82
N GLU B 1 -3.14 21.30 2.97
CA GLU B 1 -4.02 20.34 2.29
C GLU B 1 -5.49 20.48 2.69
N VAL B 2 -6.39 20.12 1.75
CA VAL B 2 -7.85 20.19 1.95
C VAL B 2 -8.35 19.05 2.83
N GLN B 3 -9.07 19.41 3.90
CA GLN B 3 -9.65 18.44 4.84
C GLN B 3 -11.12 18.72 5.00
N LEU B 4 -11.92 17.67 5.17
CA LEU B 4 -13.35 17.75 5.40
C LEU B 4 -13.67 16.91 6.62
N VAL B 5 -14.25 17.50 7.69
CA VAL B 5 -14.55 16.72 8.88
C VAL B 5 -16.06 16.66 9.15
N GLU B 6 -16.60 15.41 9.24
CA GLU B 6 -17.99 15.10 9.55
C GLU B 6 -18.20 15.23 11.05
N THR B 7 -19.34 15.78 11.47
CA THR B 7 -19.72 15.92 12.88
C THR B 7 -21.20 15.61 13.03
N GLY B 8 -21.54 14.90 14.11
CA GLY B 8 -22.92 14.54 14.42
C GLY B 8 -23.08 13.40 15.40
N PRO B 9 -24.33 12.86 15.57
CA PRO B 9 -24.55 11.76 16.53
C PRO B 9 -24.10 10.40 16.01
N GLY B 10 -24.15 9.41 16.88
CA GLY B 10 -23.81 8.04 16.52
C GLY B 10 -25.09 7.23 16.39
N LEU B 11 -26.08 7.66 17.15
CA LEU B 11 -27.36 7.02 17.28
C LEU B 11 -28.48 8.00 17.06
N MET B 12 -29.50 7.53 16.35
CA MET B 12 -30.67 8.32 16.00
C MET B 12 -31.95 7.47 16.18
N LYS B 13 -32.89 7.97 17.02
CA LYS B 13 -34.17 7.31 17.29
C LYS B 13 -35.04 7.25 16.04
N THR B 14 -35.64 6.09 15.79
CA THR B 14 -36.51 5.76 14.66
C THR B 14 -37.65 6.79 14.57
N SER B 15 -37.82 7.37 13.35
CA SER B 15 -38.77 8.43 12.95
C SER B 15 -38.26 9.84 13.33
N GLY B 16 -36.97 9.93 13.66
CA GLY B 16 -36.31 11.19 14.02
C GLY B 16 -35.69 11.91 12.84
N THR B 17 -35.03 13.04 13.12
CA THR B 17 -34.38 13.85 12.10
C THR B 17 -32.86 13.90 12.35
N LEU B 18 -32.08 13.19 11.51
CA LEU B 18 -30.63 13.14 11.59
C LEU B 18 -30.01 14.47 11.11
N SER B 19 -29.04 15.02 11.88
CA SER B 19 -28.39 16.28 11.57
C SER B 19 -26.85 16.13 11.59
N LEU B 20 -26.23 16.26 10.39
CA LEU B 20 -24.77 16.18 10.17
C LEU B 20 -24.22 17.47 9.61
N THR B 21 -22.96 17.78 9.95
CA THR B 21 -22.24 18.95 9.47
C THR B 21 -20.84 18.55 8.97
N CYS B 22 -20.34 19.26 7.93
CA CYS B 22 -19.01 19.07 7.36
C CYS B 22 -18.20 20.34 7.50
N ALA B 23 -17.06 20.27 8.24
CA ALA B 23 -16.13 21.38 8.46
C ALA B 23 -14.93 21.33 7.50
N VAL B 24 -14.87 22.32 6.60
CA VAL B 24 -13.91 22.46 5.51
C VAL B 24 -12.67 23.28 5.92
N SER B 25 -11.49 22.73 5.57
CA SER B 25 -10.16 23.23 5.89
C SER B 25 -9.34 23.30 4.63
N GLY B 26 -8.48 24.31 4.55
CA GLY B 26 -7.55 24.48 3.43
C GLY B 26 -8.21 24.84 2.12
N ASP B 27 -9.48 25.29 2.18
CA ASP B 27 -10.29 25.71 1.03
C ASP B 27 -11.39 26.66 1.52
N TYR B 28 -12.14 27.27 0.59
CA TYR B 28 -13.31 28.12 0.86
C TYR B 28 -14.51 27.43 0.27
N VAL B 29 -15.65 27.44 0.98
CA VAL B 29 -16.88 26.80 0.47
C VAL B 29 -17.50 27.64 -0.63
N ASN B 30 -17.33 28.99 -0.54
CA ASN B 30 -17.83 29.95 -1.52
C ASN B 30 -16.99 29.97 -2.81
N THR B 31 -16.75 28.78 -3.40
CA THR B 31 -15.97 28.62 -4.65
C THR B 31 -16.70 27.68 -5.62
N ASN B 32 -16.23 27.63 -6.89
CA ASN B 32 -16.84 26.76 -7.90
C ASN B 32 -16.53 25.27 -7.63
N ARG B 33 -17.31 24.74 -6.69
CA ARG B 33 -17.30 23.37 -6.16
C ARG B 33 -18.76 22.96 -5.91
N ARG B 34 -19.04 21.65 -5.87
CA ARG B 34 -20.35 21.10 -5.52
C ARG B 34 -20.14 20.30 -4.22
N TRP B 35 -20.54 20.87 -3.08
CA TRP B 35 -20.40 20.23 -1.76
C TRP B 35 -21.46 19.15 -1.62
N SER B 36 -20.98 17.88 -1.55
CA SER B 36 -21.77 16.63 -1.63
C SER B 36 -21.77 15.72 -0.37
N TRP B 37 -22.78 14.83 -0.30
CA TRP B 37 -22.97 13.78 0.69
C TRP B 37 -23.23 12.42 -0.01
N VAL B 38 -22.60 11.35 0.50
CA VAL B 38 -22.64 9.95 0.02
C VAL B 38 -22.78 9.10 1.31
N ARG B 39 -23.48 7.97 1.22
CA ARG B 39 -23.63 7.06 2.35
C ARG B 39 -23.37 5.62 1.92
N GLN B 40 -22.91 4.77 2.87
CA GLN B 40 -22.63 3.34 2.64
C GLN B 40 -23.20 2.50 3.77
N ALA B 41 -24.20 1.65 3.47
CA ALA B 41 -24.82 0.76 4.45
C ALA B 41 -23.76 -0.19 5.02
N PRO B 42 -24.05 -0.93 6.10
CA PRO B 42 -23.02 -1.84 6.66
C PRO B 42 -22.30 -2.82 5.69
N GLY B 43 -23.02 -3.49 4.78
CA GLY B 43 -22.37 -4.41 3.84
C GLY B 43 -22.56 -4.07 2.37
N LYS B 44 -23.18 -2.90 2.07
CA LYS B 44 -23.51 -2.43 0.73
C LYS B 44 -22.42 -1.54 0.09
N GLY B 45 -22.72 -1.02 -1.10
CA GLY B 45 -21.88 -0.12 -1.85
C GLY B 45 -22.19 1.34 -1.58
N LEU B 46 -21.77 2.22 -2.51
CA LEU B 46 -21.94 3.65 -2.32
C LEU B 46 -23.23 4.17 -2.93
N GLU B 47 -23.94 5.04 -2.18
CA GLU B 47 -25.18 5.72 -2.60
C GLU B 47 -24.99 7.23 -2.55
N TRP B 48 -25.16 7.90 -3.70
CA TRP B 48 -25.08 9.36 -3.81
C TRP B 48 -26.36 9.96 -3.20
N ILE B 49 -26.26 10.74 -2.10
CA ILE B 49 -27.39 11.38 -1.41
C ILE B 49 -27.84 12.69 -2.13
N GLY B 50 -26.96 13.69 -2.18
CA GLY B 50 -27.24 14.99 -2.79
C GLY B 50 -26.06 15.95 -2.79
N GLU B 51 -26.26 17.17 -3.33
CA GLU B 51 -25.21 18.21 -3.41
C GLU B 51 -25.82 19.62 -3.42
N VAL B 52 -25.00 20.64 -3.02
CA VAL B 52 -25.31 22.08 -2.98
C VAL B 52 -24.25 22.86 -3.80
N HIS B 53 -24.74 23.71 -4.72
CA HIS B 53 -23.98 24.53 -5.66
C HIS B 53 -23.71 25.90 -5.07
N GLN B 54 -22.72 26.64 -5.64
CA GLN B 54 -22.34 28.00 -5.21
C GLN B 54 -23.54 28.97 -5.13
N SER B 55 -24.49 28.82 -6.08
CA SER B 55 -25.72 29.60 -6.18
C SER B 55 -26.73 29.30 -5.05
N GLY B 56 -26.47 28.25 -4.25
CA GLY B 56 -27.34 27.81 -3.16
C GLY B 56 -28.27 26.69 -3.59
N ARG B 57 -28.22 26.35 -4.89
CA ARG B 57 -29.04 25.33 -5.56
C ARG B 57 -28.71 23.96 -5.02
N THR B 58 -29.75 23.12 -4.94
CA THR B 58 -29.63 21.77 -4.40
C THR B 58 -30.17 20.72 -5.35
N ASN B 59 -29.55 19.54 -5.37
CA ASN B 59 -29.94 18.36 -6.16
C ASN B 59 -29.88 17.18 -5.21
N TYR B 60 -30.88 16.30 -5.27
CA TYR B 60 -30.98 15.13 -4.38
C TYR B 60 -31.34 13.88 -5.16
N ASN B 61 -30.80 12.71 -4.77
CA ASN B 61 -31.11 11.43 -5.43
C ASN B 61 -32.60 11.18 -5.30
N PRO B 62 -33.32 11.05 -6.44
CA PRO B 62 -34.79 10.84 -6.40
C PRO B 62 -35.24 9.73 -5.47
N SER B 63 -34.45 8.65 -5.33
CA SER B 63 -34.76 7.55 -4.42
C SER B 63 -35.30 8.11 -3.08
N LEU B 64 -34.73 9.20 -2.55
CA LEU B 64 -35.16 9.74 -1.25
C LEU B 64 -35.24 11.26 -1.06
N LYS B 65 -35.38 12.09 -2.11
CA LYS B 65 -35.41 13.59 -2.13
C LYS B 65 -36.31 14.31 -1.13
N SER B 66 -37.50 13.76 -0.88
CA SER B 66 -38.49 14.34 0.02
C SER B 66 -37.95 14.52 1.45
N ARG B 67 -37.17 13.54 1.92
CA ARG B 67 -36.62 13.50 3.27
C ARG B 67 -35.30 14.27 3.43
N VAL B 68 -34.78 14.86 2.32
CA VAL B 68 -33.46 15.48 2.24
C VAL B 68 -33.39 17.06 2.23
N THR B 69 -32.39 17.64 2.98
CA THR B 69 -32.11 19.09 3.08
C THR B 69 -30.61 19.33 3.20
N ILE B 70 -30.02 19.91 2.16
CA ILE B 70 -28.59 20.26 2.16
C ILE B 70 -28.47 21.80 2.14
N SER B 71 -27.77 22.36 3.14
CA SER B 71 -27.53 23.79 3.32
C SER B 71 -26.01 24.04 3.41
N VAL B 72 -25.60 25.32 3.31
CA VAL B 72 -24.21 25.79 3.33
C VAL B 72 -24.09 27.09 4.13
N ASP B 73 -23.09 27.22 5.01
CA ASP B 73 -22.80 28.43 5.78
C ASP B 73 -21.38 28.88 5.44
N LYS B 74 -21.29 29.92 4.61
CA LYS B 74 -20.01 30.47 4.12
C LYS B 74 -19.20 31.07 5.23
N SER B 75 -19.86 31.81 6.14
CA SER B 75 -19.20 32.43 7.30
C SER B 75 -18.46 31.42 8.21
N LYS B 76 -19.01 30.20 8.37
CA LYS B 76 -18.39 29.17 9.21
C LYS B 76 -17.60 28.10 8.41
N ASN B 77 -17.49 28.26 7.08
CA ASN B 77 -16.79 27.38 6.12
C ASN B 77 -17.27 25.93 6.26
N GLN B 78 -18.59 25.76 6.25
CA GLN B 78 -19.21 24.46 6.45
C GLN B 78 -20.52 24.25 5.69
N PHE B 79 -20.92 22.98 5.53
CA PHE B 79 -22.18 22.61 4.89
C PHE B 79 -22.82 21.50 5.71
N SER B 80 -24.14 21.36 5.60
CA SER B 80 -24.85 20.42 6.46
C SER B 80 -25.79 19.51 5.73
N LEU B 81 -26.31 18.46 6.43
CA LEU B 81 -27.30 17.50 5.90
C LEU B 81 -28.30 17.15 6.97
N LYS B 82 -29.58 17.22 6.63
CA LYS B 82 -30.67 16.88 7.53
C LYS B 82 -31.50 15.76 6.90
N VAL B 83 -31.86 14.73 7.69
CA VAL B 83 -32.67 13.61 7.15
C VAL B 83 -33.90 13.39 8.07
N ASP B 84 -35.09 13.61 7.52
CA ASP B 84 -36.34 13.42 8.27
C ASP B 84 -36.87 11.99 8.14
N SER B 85 -37.66 11.55 9.14
CA SER B 85 -38.40 10.28 9.22
C SER B 85 -37.51 9.08 8.96
N VAL B 86 -36.41 9.00 9.72
CA VAL B 86 -35.39 7.95 9.57
C VAL B 86 -35.87 6.59 10.06
N THR B 87 -35.55 5.56 9.26
CA THR B 87 -35.88 4.16 9.54
C THR B 87 -34.58 3.38 9.59
N ALA B 88 -34.66 2.10 9.98
CA ALA B 88 -33.51 1.20 10.04
C ALA B 88 -32.74 1.19 8.72
N ALA B 89 -33.46 1.40 7.60
CA ALA B 89 -32.91 1.46 6.23
C ALA B 89 -31.94 2.63 6.05
N ASP B 90 -32.02 3.64 6.93
CA ASP B 90 -31.15 4.81 6.86
C ASP B 90 -29.84 4.62 7.69
N THR B 91 -29.53 3.37 8.08
CA THR B 91 -28.30 3.01 8.81
C THR B 91 -27.14 2.99 7.81
N ALA B 92 -26.05 3.73 8.12
CA ALA B 92 -24.88 3.84 7.23
C ALA B 92 -23.74 4.63 7.81
N VAL B 93 -22.63 4.65 7.07
CA VAL B 93 -21.47 5.52 7.30
C VAL B 93 -21.74 6.66 6.29
N TYR B 94 -21.81 7.92 6.79
CA TYR B 94 -22.06 9.12 6.01
C TYR B 94 -20.78 9.94 5.72
N TYR B 95 -20.51 10.20 4.42
CA TYR B 95 -19.35 10.94 3.96
C TYR B 95 -19.71 12.31 3.37
N CYS B 96 -18.99 13.37 3.76
CA CYS B 96 -19.10 14.64 3.06
C CYS B 96 -17.95 14.66 2.01
N ALA B 97 -18.19 15.26 0.84
CA ALA B 97 -17.22 15.27 -0.25
C ALA B 97 -17.28 16.53 -1.04
N ARG B 98 -16.21 16.80 -1.79
CA ARG B 98 -16.04 17.94 -2.69
C ARG B 98 -15.98 17.46 -4.12
N ALA B 99 -16.88 17.99 -4.97
CA ALA B 99 -16.89 17.70 -6.40
C ALA B 99 -16.33 18.94 -7.15
N SER B 100 -15.36 18.69 -8.03
CA SER B 100 -14.63 19.73 -8.73
C SER B 100 -14.62 19.58 -10.25
N PRO B 101 -14.58 20.70 -11.01
CA PRO B 101 -14.50 20.59 -12.48
C PRO B 101 -13.04 20.32 -12.92
N LEU B 102 -12.54 19.09 -12.68
CA LEU B 102 -11.20 18.68 -13.04
C LEU B 102 -10.91 18.82 -14.54
N LYS B 103 -9.70 19.24 -14.88
CA LYS B 103 -9.25 19.41 -16.25
C LYS B 103 -7.92 18.71 -16.45
N SER B 104 -7.77 17.98 -17.54
CA SER B 104 -6.46 17.45 -17.93
C SER B 104 -5.86 18.68 -18.65
N GLN B 105 -4.69 19.18 -18.22
CA GLN B 105 -4.10 20.41 -18.79
C GLN B 105 -3.67 20.25 -20.25
N ARG B 106 -4.54 20.75 -21.16
CA ARG B 106 -4.33 20.77 -22.60
C ARG B 106 -3.86 22.17 -23.05
N ASP B 107 -4.57 23.24 -22.57
CA ASP B 107 -4.26 24.66 -22.84
C ASP B 107 -3.95 25.43 -21.54
N THR B 108 -3.06 26.47 -21.64
CA THR B 108 -2.62 27.31 -20.52
C THR B 108 -2.74 28.82 -20.78
N ASP B 109 -2.40 29.31 -22.03
CA ASP B 109 -2.47 30.76 -22.35
C ASP B 109 -3.94 31.20 -22.45
N LEU B 110 -4.65 30.73 -23.49
CA LEU B 110 -6.07 31.00 -23.70
C LEU B 110 -6.83 29.65 -23.53
N PRO B 111 -7.10 29.16 -22.30
CA PRO B 111 -7.85 27.89 -22.20
C PRO B 111 -9.30 28.04 -22.63
N ARG B 112 -9.90 26.97 -23.17
CA ARG B 112 -11.30 26.99 -23.66
C ARG B 112 -12.26 27.43 -22.54
N PRO B 113 -13.10 28.49 -22.72
CA PRO B 113 -14.02 28.90 -21.65
C PRO B 113 -15.12 27.89 -21.28
N SER B 114 -15.84 28.17 -20.19
CA SER B 114 -16.95 27.36 -19.73
C SER B 114 -18.25 28.21 -19.67
N ILE B 115 -19.43 27.57 -19.91
CA ILE B 115 -20.77 28.18 -19.79
C ILE B 115 -21.59 27.39 -18.77
N SER B 116 -22.24 28.11 -17.85
CA SER B 116 -23.13 27.56 -16.82
C SER B 116 -24.43 28.38 -16.80
N ALA B 117 -25.49 27.83 -16.20
CA ALA B 117 -26.78 28.51 -16.05
C ALA B 117 -27.27 28.44 -14.59
N GLU B 118 -27.77 29.56 -14.06
CA GLU B 118 -28.27 29.63 -12.67
C GLU B 118 -29.70 30.21 -12.71
N PRO B 119 -30.72 29.56 -12.10
CA PRO B 119 -30.66 28.33 -11.28
C PRO B 119 -30.47 27.04 -12.07
N GLY B 120 -30.91 27.02 -13.32
CA GLY B 120 -30.80 25.86 -14.19
C GLY B 120 -31.06 26.15 -15.65
N THR B 121 -31.27 25.07 -16.41
CA THR B 121 -31.47 25.09 -17.86
C THR B 121 -32.93 24.86 -18.26
N VAL B 122 -33.78 24.54 -17.29
CA VAL B 122 -35.20 24.33 -17.52
C VAL B 122 -35.91 25.40 -16.69
N ILE B 123 -36.21 26.52 -17.32
CA ILE B 123 -36.78 27.68 -16.65
C ILE B 123 -38.27 27.86 -16.96
N PRO B 124 -39.14 28.05 -15.93
CA PRO B 124 -40.57 28.26 -16.21
C PRO B 124 -40.80 29.60 -16.91
N LEU B 125 -41.83 29.64 -17.77
CA LEU B 125 -42.20 30.83 -18.54
C LEU B 125 -42.35 32.07 -17.65
N GLY B 126 -41.80 33.19 -18.11
CA GLY B 126 -41.84 34.45 -17.38
C GLY B 126 -40.76 34.65 -16.33
N SER B 127 -40.14 33.55 -15.86
CA SER B 127 -39.09 33.57 -14.83
C SER B 127 -37.70 33.96 -15.42
N HIS B 128 -36.73 34.27 -14.55
CA HIS B 128 -35.36 34.69 -14.92
C HIS B 128 -34.32 33.57 -14.99
N VAL B 129 -33.15 33.88 -15.61
CA VAL B 129 -31.98 33.00 -15.73
C VAL B 129 -30.73 33.86 -15.97
N THR B 130 -29.57 33.40 -15.45
CA THR B 130 -28.28 34.06 -15.60
C THR B 130 -27.26 33.06 -16.14
N PHE B 131 -26.53 33.47 -17.22
CA PHE B 131 -25.43 32.65 -17.75
C PHE B 131 -24.15 33.17 -17.14
N VAL B 132 -23.26 32.26 -16.72
CA VAL B 132 -21.98 32.59 -16.08
C VAL B 132 -20.92 32.01 -17.00
N CYS B 133 -20.13 32.90 -17.63
CA CYS B 133 -19.03 32.56 -18.53
C CYS B 133 -17.81 32.59 -17.68
N ARG B 134 -17.03 31.49 -17.70
CA ARG B 134 -15.79 31.35 -16.92
C ARG B 134 -14.57 31.19 -17.86
N GLY B 135 -13.50 31.91 -17.52
CA GLY B 135 -12.27 31.88 -18.28
C GLY B 135 -11.05 32.16 -17.42
N PRO B 136 -9.85 32.36 -18.00
CA PRO B 136 -8.69 32.64 -17.16
C PRO B 136 -8.73 34.04 -16.54
N VAL B 137 -7.77 34.37 -15.70
CA VAL B 137 -7.63 35.69 -15.10
C VAL B 137 -7.11 36.65 -16.21
N GLY B 138 -7.60 37.90 -16.23
CA GLY B 138 -7.13 38.91 -17.19
C GLY B 138 -7.91 39.06 -18.49
N VAL B 139 -9.13 38.56 -18.52
CA VAL B 139 -10.04 38.67 -19.66
C VAL B 139 -10.52 40.12 -19.70
N GLN B 140 -10.55 40.76 -20.88
CA GLN B 140 -11.06 42.13 -20.95
C GLN B 140 -12.54 42.16 -21.37
N THR B 141 -12.97 41.19 -22.22
CA THR B 141 -14.34 41.09 -22.74
C THR B 141 -14.83 39.63 -22.83
N PHE B 142 -16.07 39.36 -22.36
CA PHE B 142 -16.74 38.06 -22.47
C PHE B 142 -17.94 38.21 -23.41
N ARG B 143 -18.15 37.23 -24.28
CA ARG B 143 -19.27 37.26 -25.23
C ARG B 143 -20.14 36.04 -25.08
N LEU B 144 -21.44 36.29 -24.91
CA LEU B 144 -22.47 35.26 -24.89
C LEU B 144 -23.07 35.20 -26.29
N GLU B 145 -23.28 34.01 -26.88
CA GLU B 145 -23.94 33.95 -28.21
C GLU B 145 -25.00 32.83 -28.33
N ARG B 146 -26.06 33.13 -29.12
CA ARG B 146 -27.26 32.34 -29.44
C ARG B 146 -27.09 31.56 -30.75
N GLU B 147 -27.49 30.28 -30.80
CA GLU B 147 -27.33 29.47 -32.02
C GLU B 147 -28.33 29.84 -33.16
N ARG B 148 -29.66 29.67 -32.92
CA ARG B 148 -30.73 29.87 -33.92
C ARG B 148 -30.82 31.23 -34.57
N ASN B 149 -30.49 32.33 -33.85
CA ASN B 149 -30.58 33.67 -34.43
C ASN B 149 -29.23 34.36 -34.51
N TYR B 150 -28.18 33.60 -34.16
CA TYR B 150 -26.81 34.03 -34.03
C TYR B 150 -26.69 35.50 -33.59
N LEU B 151 -27.32 35.80 -32.44
CA LEU B 151 -27.24 37.11 -31.78
C LEU B 151 -26.14 36.97 -30.72
N TYR B 152 -25.45 38.07 -30.41
CA TYR B 152 -24.41 38.06 -29.36
C TYR B 152 -24.56 39.25 -28.39
N SER B 153 -23.92 39.16 -27.21
CA SER B 153 -23.90 40.20 -26.19
C SER B 153 -22.54 40.23 -25.50
N ASP B 154 -21.89 41.39 -25.54
CA ASP B 154 -20.57 41.66 -24.99
C ASP B 154 -20.64 42.35 -23.63
N THR B 155 -19.68 42.03 -22.75
CA THR B 155 -19.53 42.68 -21.43
C THR B 155 -18.05 42.79 -20.99
N GLU B 156 -17.72 43.95 -20.39
CA GLU B 156 -16.42 44.27 -19.81
C GLU B 156 -16.58 44.29 -18.28
N ASP B 157 -17.72 43.78 -17.78
CA ASP B 157 -17.99 43.66 -16.36
C ASP B 157 -17.39 42.31 -15.93
N VAL B 158 -16.06 42.28 -15.91
CA VAL B 158 -15.24 41.11 -15.64
C VAL B 158 -14.75 41.25 -14.19
N SER B 159 -14.69 40.11 -13.47
CA SER B 159 -14.30 40.05 -12.06
C SER B 159 -13.49 38.81 -11.76
N GLN B 160 -12.34 38.95 -11.08
CA GLN B 160 -11.51 37.82 -10.69
C GLN B 160 -12.14 37.13 -9.46
N THR B 161 -12.19 35.80 -9.46
CA THR B 161 -12.82 35.07 -8.36
C THR B 161 -11.86 34.09 -7.66
N SER B 162 -10.79 33.63 -8.35
CA SER B 162 -9.76 32.72 -7.84
C SER B 162 -8.43 33.18 -8.43
N PRO B 163 -7.24 32.75 -7.93
CA PRO B 163 -5.98 33.26 -8.53
C PRO B 163 -5.71 32.83 -9.98
N SER B 164 -6.54 31.89 -10.51
CA SER B 164 -6.47 31.32 -11.86
C SER B 164 -7.70 31.61 -12.76
N GLU B 165 -8.84 32.08 -12.19
CA GLU B 165 -10.04 32.26 -12.98
C GLU B 165 -10.66 33.67 -12.86
N SER B 166 -11.51 33.99 -13.84
CA SER B 166 -12.24 35.25 -14.03
C SER B 166 -13.60 34.91 -14.64
N GLU B 167 -14.61 35.82 -14.50
CA GLU B 167 -15.96 35.55 -14.99
C GLU B 167 -16.85 36.78 -15.34
N ALA B 168 -17.92 36.55 -16.11
CA ALA B 168 -18.92 37.56 -16.45
C ALA B 168 -20.30 36.90 -16.37
N ARG B 169 -21.34 37.67 -16.06
CA ARG B 169 -22.72 37.18 -15.90
C ARG B 169 -23.66 37.90 -16.84
N PHE B 170 -24.60 37.15 -17.45
CA PHE B 170 -25.58 37.65 -18.41
C PHE B 170 -27.00 37.23 -17.96
N ARG B 171 -27.81 38.19 -17.50
CA ARG B 171 -29.18 37.97 -16.99
C ARG B 171 -30.30 38.23 -17.99
N ILE B 172 -31.28 37.30 -18.05
CA ILE B 172 -32.54 37.37 -18.82
C ILE B 172 -33.62 37.39 -17.71
N ASP B 173 -34.13 38.59 -17.34
CA ASP B 173 -35.14 38.80 -16.29
C ASP B 173 -36.41 38.02 -16.49
N SER B 174 -36.92 37.93 -17.74
CA SER B 174 -38.16 37.20 -18.05
C SER B 174 -38.08 36.42 -19.36
N VAL B 175 -37.98 35.09 -19.25
CA VAL B 175 -37.86 34.19 -20.40
C VAL B 175 -39.17 34.00 -21.16
N ASN B 176 -39.03 33.81 -22.47
CA ASN B 176 -40.12 33.48 -23.38
C ASN B 176 -39.70 32.30 -24.28
N ALA B 177 -40.62 31.76 -25.11
CA ALA B 177 -40.34 30.65 -26.04
C ALA B 177 -39.14 31.00 -26.96
N GLY B 178 -39.12 32.24 -27.47
CA GLY B 178 -38.05 32.74 -28.33
C GLY B 178 -36.71 32.97 -27.66
N ASN B 179 -36.59 32.63 -26.36
CA ASN B 179 -35.35 32.76 -25.58
C ASN B 179 -34.68 31.39 -25.43
N ALA B 180 -35.48 30.33 -25.61
CA ALA B 180 -35.00 28.95 -25.54
C ALA B 180 -34.09 28.68 -26.74
N GLY B 181 -33.02 27.92 -26.50
CA GLY B 181 -32.05 27.55 -27.53
C GLY B 181 -30.70 27.14 -26.98
N LEU B 182 -29.69 27.19 -27.85
CA LEU B 182 -28.31 26.81 -27.52
C LEU B 182 -27.47 28.07 -27.34
N PHE B 183 -26.68 28.12 -26.25
CA PHE B 183 -25.85 29.27 -25.88
C PHE B 183 -24.37 28.88 -25.65
N ARG B 184 -23.43 29.79 -26.01
CA ARG B 184 -21.99 29.60 -25.83
C ARG B 184 -21.34 30.82 -25.21
N CYS B 185 -20.02 30.71 -24.87
CA CYS B 185 -19.13 31.74 -24.32
C CYS B 185 -17.85 31.78 -25.14
N ILE B 186 -17.34 32.98 -25.34
CA ILE B 186 -16.07 33.24 -26.00
C ILE B 186 -15.51 34.47 -25.33
N TYR B 187 -14.19 34.53 -25.12
CA TYR B 187 -13.61 35.70 -24.50
C TYR B 187 -12.46 36.33 -25.31
N TYR B 188 -12.25 37.63 -25.10
CA TYR B 188 -11.17 38.38 -25.69
C TYR B 188 -10.14 38.69 -24.58
N LYS B 189 -8.89 38.32 -24.85
CA LYS B 189 -7.73 38.50 -23.96
C LYS B 189 -6.47 38.61 -24.83
N SER B 190 -5.59 39.58 -24.51
CA SER B 190 -4.31 39.83 -25.15
C SER B 190 -4.31 39.79 -26.71
N ARG B 191 -5.15 40.69 -27.31
CA ARG B 191 -5.31 40.90 -28.77
C ARG B 191 -5.76 39.64 -29.51
N LYS B 192 -6.36 38.67 -28.80
CA LYS B 192 -6.79 37.36 -29.30
C LYS B 192 -8.18 36.93 -28.78
N TRP B 193 -8.91 36.12 -29.57
CA TRP B 193 -10.18 35.53 -29.14
C TRP B 193 -9.94 34.05 -28.80
N SER B 194 -10.58 33.53 -27.73
CA SER B 194 -10.47 32.13 -27.34
C SER B 194 -11.23 31.17 -28.28
N GLU B 195 -11.11 29.82 -28.05
CA GLU B 195 -11.93 28.85 -28.80
C GLU B 195 -13.28 28.99 -28.10
N GLN B 196 -14.37 28.83 -28.85
CA GLN B 196 -15.72 28.96 -28.30
C GLN B 196 -15.98 27.81 -27.34
N SER B 197 -16.82 28.03 -26.33
CA SER B 197 -17.15 26.95 -25.39
C SER B 197 -18.12 25.94 -26.02
N ASP B 198 -18.47 24.88 -25.29
CA ASP B 198 -19.46 23.92 -25.78
C ASP B 198 -20.82 24.58 -25.61
N TYR B 199 -21.83 24.15 -26.40
CA TYR B 199 -23.16 24.71 -26.29
C TYR B 199 -23.87 24.16 -25.02
N LEU B 200 -24.87 24.88 -24.54
CA LEU B 200 -25.64 24.48 -23.38
C LEU B 200 -27.06 24.80 -23.74
N GLU B 201 -27.95 23.78 -23.72
CA GLU B 201 -29.34 23.98 -24.08
C GLU B 201 -30.13 24.62 -22.95
N LEU B 202 -30.96 25.64 -23.27
CA LEU B 202 -31.89 26.30 -22.36
C LEU B 202 -33.31 26.03 -22.83
N VAL B 203 -34.14 25.42 -21.98
CA VAL B 203 -35.54 25.11 -22.27
C VAL B 203 -36.44 25.98 -21.39
N VAL B 204 -37.55 26.45 -21.97
CA VAL B 204 -38.56 27.26 -21.29
C VAL B 204 -39.82 26.42 -21.27
N LYS B 205 -40.15 25.85 -20.07
CA LYS B 205 -41.29 24.95 -19.93
C LYS B 205 -42.63 25.67 -19.85
N GLY B 206 -43.59 25.09 -20.57
CA GLY B 206 -44.97 25.53 -20.63
C GLY B 206 -45.70 25.37 -19.32
N GLU B 207 -46.76 26.17 -19.13
CA GLU B 207 -47.61 26.21 -17.94
C GLU B 207 -48.87 25.29 -18.06
N ASP B 208 -48.64 24.00 -18.35
CA ASP B 208 -49.71 23.01 -18.48
C ASP B 208 -49.24 21.61 -18.16
N VAL B 209 -50.19 20.74 -17.73
CA VAL B 209 -49.99 19.34 -17.36
C VAL B 209 -49.37 18.49 -18.49
N THR B 210 -49.66 18.86 -19.77
CA THR B 210 -49.22 18.16 -20.97
C THR B 210 -47.74 18.39 -21.37
N TRP B 211 -47.06 19.34 -20.74
CA TRP B 211 -45.69 19.65 -21.13
C TRP B 211 -44.65 18.58 -20.75
N ALA B 212 -43.86 18.18 -21.77
CA ALA B 212 -42.79 17.17 -21.73
C ALA B 212 -41.70 17.41 -22.82
N LEU B 213 -40.45 16.91 -22.56
CA LEU B 213 -39.28 17.02 -23.41
C LEU B 213 -39.38 16.25 -24.73
N ALA B 222 -27.35 15.25 -23.99
CA ALA B 222 -27.86 13.93 -24.30
C ALA B 222 -28.18 13.13 -23.02
N CYS B 223 -28.80 13.81 -22.03
CA CYS B 223 -29.16 13.23 -20.73
C CYS B 223 -30.63 12.83 -20.70
N PRO B 224 -31.17 12.22 -19.60
CA PRO B 224 -32.61 11.92 -19.59
C PRO B 224 -33.53 13.14 -19.55
N GLN B 225 -34.82 12.87 -19.76
CA GLN B 225 -35.89 13.87 -19.76
C GLN B 225 -35.77 14.78 -18.58
N GLY B 226 -35.64 16.07 -18.88
CA GLY B 226 -35.50 17.12 -17.88
C GLY B 226 -34.17 17.03 -17.16
N GLU B 227 -33.47 15.89 -17.30
CA GLU B 227 -32.17 15.74 -16.66
C GLU B 227 -31.06 16.38 -17.49
N LEU B 228 -31.39 17.55 -18.10
CA LEU B 228 -30.47 18.39 -18.85
C LEU B 228 -29.40 18.94 -17.93
N PRO B 229 -28.13 18.98 -18.42
CA PRO B 229 -27.05 19.56 -17.60
C PRO B 229 -27.23 21.06 -17.40
N ILE B 230 -26.52 21.64 -16.42
CA ILE B 230 -26.59 23.08 -16.16
C ILE B 230 -25.19 23.75 -16.36
N SER B 231 -24.17 22.94 -16.75
CA SER B 231 -22.80 23.37 -16.98
C SER B 231 -22.07 22.47 -18.02
N THR B 232 -21.19 23.09 -18.86
CA THR B 232 -20.39 22.36 -19.84
C THR B 232 -19.27 21.58 -19.12
N ASP B 233 -18.92 22.00 -17.89
CA ASP B 233 -17.89 21.41 -17.03
C ASP B 233 -18.46 20.21 -16.28
N ILE B 234 -17.68 19.11 -16.19
CA ILE B 234 -18.06 17.88 -15.48
C ILE B 234 -17.43 17.86 -14.09
N TYR B 235 -18.27 17.75 -13.06
CA TYR B 235 -17.77 17.78 -11.68
C TYR B 235 -17.50 16.37 -11.16
N TYR B 236 -16.32 16.19 -10.58
CA TYR B 236 -15.84 14.93 -10.03
C TYR B 236 -15.41 15.07 -8.55
N VAL B 237 -15.85 14.13 -7.66
CA VAL B 237 -15.43 14.07 -6.26
C VAL B 237 -13.89 13.79 -6.23
N ASP B 238 -13.11 14.76 -5.74
CA ASP B 238 -11.67 14.58 -5.67
C ASP B 238 -11.17 14.52 -4.22
N VAL B 239 -12.06 14.86 -3.25
CA VAL B 239 -11.74 14.86 -1.80
C VAL B 239 -12.91 14.26 -1.02
N TRP B 240 -12.61 13.30 -0.15
CA TRP B 240 -13.58 12.65 0.72
C TRP B 240 -13.20 12.86 2.18
N GLY B 241 -14.22 12.93 3.04
CA GLY B 241 -14.05 12.97 4.47
C GLY B 241 -13.87 11.53 4.89
N ASN B 242 -13.35 11.26 6.10
CA ASN B 242 -13.11 9.89 6.55
C ASN B 242 -14.39 9.17 6.95
N GLY B 243 -15.50 9.89 7.11
CA GLY B 243 -16.84 9.38 7.39
C GLY B 243 -17.30 9.29 8.83
N THR B 244 -18.63 9.33 9.03
CA THR B 244 -19.21 9.18 10.37
C THR B 244 -20.31 8.09 10.36
N THR B 245 -20.16 7.08 11.23
CA THR B 245 -21.14 5.98 11.34
C THR B 245 -22.40 6.45 12.10
N VAL B 246 -23.59 6.31 11.46
CA VAL B 246 -24.90 6.63 12.08
C VAL B 246 -25.72 5.36 12.15
N THR B 247 -26.25 5.08 13.35
CA THR B 247 -27.10 3.92 13.60
C THR B 247 -28.52 4.42 13.94
N VAL B 248 -29.55 3.93 13.20
CA VAL B 248 -30.98 4.28 13.41
C VAL B 248 -31.71 3.15 14.16
N SER B 249 -31.98 3.31 15.48
CA SER B 249 -32.66 2.27 16.28
C SER B 249 -33.45 2.79 17.49
N SER B 250 -34.65 2.23 17.67
CA SER B 250 -35.54 2.56 18.78
C SER B 250 -35.18 1.80 20.07
N ALA B 251 -34.08 1.01 20.03
CA ALA B 251 -33.59 0.22 21.17
C ALA B 251 -32.97 1.09 22.29
N LYS B 252 -32.73 0.46 23.44
CA LYS B 252 -32.22 1.03 24.69
C LYS B 252 -30.81 0.49 24.93
N THR B 253 -29.97 1.20 25.75
CA THR B 253 -28.63 0.71 26.10
C THR B 253 -28.79 -0.59 26.90
N THR B 254 -28.12 -1.64 26.44
CA THR B 254 -28.16 -2.97 27.05
C THR B 254 -26.74 -3.56 27.10
N PRO B 255 -26.26 -4.05 28.29
CA PRO B 255 -24.92 -4.65 28.34
C PRO B 255 -24.97 -6.08 27.81
N PRO B 256 -23.83 -6.68 27.37
CA PRO B 256 -23.92 -8.03 26.83
C PRO B 256 -23.96 -9.16 27.86
N SER B 257 -24.48 -10.33 27.43
CA SER B 257 -24.47 -11.59 28.18
C SER B 257 -23.33 -12.37 27.52
N VAL B 258 -22.32 -12.76 28.30
CA VAL B 258 -21.15 -13.48 27.79
C VAL B 258 -21.24 -14.96 28.15
N TYR B 259 -21.33 -15.83 27.15
CA TYR B 259 -21.43 -17.28 27.34
C TYR B 259 -20.21 -18.02 26.79
N PRO B 260 -19.60 -18.93 27.58
CA PRO B 260 -18.42 -19.65 27.09
C PRO B 260 -18.77 -20.78 26.12
N LEU B 261 -17.86 -21.02 25.15
CA LEU B 261 -18.01 -22.07 24.14
C LEU B 261 -16.90 -23.10 24.29
N ALA B 262 -17.27 -24.26 24.84
CA ALA B 262 -16.38 -25.40 25.06
C ALA B 262 -16.64 -26.51 24.07
N PRO B 263 -15.54 -27.11 23.50
CA PRO B 263 -15.71 -28.23 22.52
C PRO B 263 -16.71 -29.29 22.94
N SER B 271 -3.95 -31.86 17.97
CA SER B 271 -2.76 -30.99 18.17
C SER B 271 -3.13 -29.55 18.48
N MET B 272 -4.29 -29.09 17.95
CA MET B 272 -4.87 -27.77 18.14
C MET B 272 -6.35 -27.87 18.58
N VAL B 273 -6.80 -26.87 19.36
CA VAL B 273 -8.17 -26.79 19.87
C VAL B 273 -8.72 -25.39 19.69
N THR B 274 -9.99 -25.31 19.23
CA THR B 274 -10.72 -24.07 19.05
C THR B 274 -11.77 -23.93 20.16
N LEU B 275 -11.70 -22.81 20.88
CA LEU B 275 -12.61 -22.38 21.95
C LEU B 275 -13.26 -21.06 21.47
N GLY B 276 -14.26 -20.59 22.17
CA GLY B 276 -14.91 -19.34 21.79
C GLY B 276 -15.67 -18.66 22.91
N CYS B 277 -16.37 -17.59 22.56
CA CYS B 277 -17.24 -16.83 23.45
C CYS B 277 -18.43 -16.31 22.66
N LEU B 278 -19.65 -16.40 23.22
CA LEU B 278 -20.87 -15.88 22.61
C LEU B 278 -21.24 -14.63 23.39
N VAL B 279 -21.32 -13.49 22.69
CA VAL B 279 -21.62 -12.17 23.22
C VAL B 279 -23.01 -11.80 22.66
N LYS B 280 -24.04 -12.05 23.46
CA LYS B 280 -25.45 -11.91 23.11
C LYS B 280 -26.24 -10.77 23.80
N GLY B 281 -27.14 -10.15 23.02
CA GLY B 281 -28.15 -9.16 23.41
C GLY B 281 -27.69 -7.81 23.92
N TYR B 282 -26.90 -7.09 23.13
CA TYR B 282 -26.42 -5.78 23.54
C TYR B 282 -26.84 -4.67 22.59
N PHE B 283 -26.78 -3.43 23.07
CA PHE B 283 -27.09 -2.22 22.30
C PHE B 283 -26.36 -1.01 22.90
N PRO B 284 -25.55 -0.31 22.11
CA PRO B 284 -25.23 -0.53 20.69
C PRO B 284 -23.84 -1.17 20.42
N GLU B 285 -23.51 -1.31 19.10
CA GLU B 285 -22.17 -1.68 18.63
C GLU B 285 -21.29 -0.46 19.04
N PRO B 286 -20.00 -0.64 19.38
CA PRO B 286 -19.24 -1.88 19.35
C PRO B 286 -19.07 -2.56 20.72
N VAL B 287 -18.35 -3.67 20.69
CA VAL B 287 -17.90 -4.46 21.80
C VAL B 287 -16.40 -4.77 21.50
N THR B 288 -15.58 -4.87 22.55
CA THR B 288 -14.15 -5.22 22.40
C THR B 288 -13.90 -6.58 23.05
N VAL B 289 -13.41 -7.54 22.26
CA VAL B 289 -13.11 -8.89 22.73
C VAL B 289 -11.64 -9.19 22.60
N THR B 290 -11.00 -9.57 23.72
CA THR B 290 -9.59 -9.97 23.78
C THR B 290 -9.51 -11.34 24.45
N TRP B 291 -8.35 -12.00 24.34
CA TRP B 291 -8.12 -13.32 24.94
C TRP B 291 -6.83 -13.31 25.70
N ASN B 292 -6.93 -13.63 26.99
CA ASN B 292 -5.82 -13.64 27.94
C ASN B 292 -5.17 -12.26 27.97
N SER B 293 -6.04 -11.21 28.04
CA SER B 293 -5.71 -9.78 28.12
C SER B 293 -4.79 -9.30 26.98
N GLY B 294 -4.97 -9.92 25.81
CA GLY B 294 -4.21 -9.63 24.59
C GLY B 294 -3.05 -10.56 24.32
N SER B 295 -2.60 -11.35 25.35
CA SER B 295 -1.47 -12.31 25.25
C SER B 295 -1.68 -13.37 24.14
N LEU B 296 -2.95 -13.78 23.91
CA LEU B 296 -3.36 -14.71 22.85
C LEU B 296 -3.95 -13.85 21.73
N SER B 297 -3.26 -13.71 20.59
CA SER B 297 -3.80 -12.88 19.50
C SER B 297 -3.66 -13.48 18.09
N SER B 298 -2.64 -14.34 17.86
CA SER B 298 -2.31 -14.89 16.53
C SER B 298 -3.40 -15.77 15.89
N GLY B 299 -4.12 -16.54 16.71
CA GLY B 299 -5.20 -17.36 16.19
C GLY B 299 -6.60 -16.96 16.61
N VAL B 300 -6.97 -15.64 16.60
CA VAL B 300 -8.34 -15.27 17.00
C VAL B 300 -9.16 -14.75 15.80
N HIS B 301 -10.48 -15.03 15.81
CA HIS B 301 -11.42 -14.57 14.77
C HIS B 301 -12.59 -14.00 15.50
N THR B 302 -12.83 -12.71 15.35
CA THR B 302 -14.03 -12.12 15.95
C THR B 302 -14.91 -11.81 14.78
N PHE B 303 -16.13 -12.33 14.81
CA PHE B 303 -17.09 -12.23 13.72
C PHE B 303 -17.92 -10.97 13.74
N PRO B 304 -18.33 -10.45 12.55
CA PRO B 304 -19.20 -9.25 12.55
C PRO B 304 -20.56 -9.52 13.27
N ALA B 305 -21.09 -8.54 14.03
CA ALA B 305 -22.38 -8.69 14.73
C ALA B 305 -23.60 -8.79 13.81
N VAL B 306 -24.58 -9.63 14.19
CA VAL B 306 -25.86 -9.74 13.48
C VAL B 306 -26.96 -9.12 14.35
N LEU B 307 -28.04 -8.66 13.72
CA LEU B 307 -29.16 -8.02 14.40
C LEU B 307 -30.21 -9.04 14.80
N GLN B 308 -30.22 -9.40 16.11
CA GLN B 308 -31.10 -10.38 16.76
C GLN B 308 -32.27 -9.66 17.49
N SER B 309 -33.33 -9.29 16.71
CA SER B 309 -34.55 -8.61 17.15
C SER B 309 -34.28 -7.28 17.89
N ASP B 310 -33.56 -6.36 17.21
CA ASP B 310 -33.16 -5.01 17.67
C ASP B 310 -32.10 -4.99 18.81
N LEU B 311 -31.35 -6.12 18.95
CA LEU B 311 -30.21 -6.25 19.86
C LEU B 311 -29.11 -6.98 19.11
N TYR B 312 -27.85 -6.72 19.45
CA TYR B 312 -26.71 -7.32 18.75
C TYR B 312 -26.19 -8.60 19.38
N THR B 313 -25.66 -9.50 18.56
CA THR B 313 -25.01 -10.75 18.96
C THR B 313 -23.75 -10.98 18.08
N LEU B 314 -22.64 -11.37 18.72
CA LEU B 314 -21.42 -11.79 18.04
C LEU B 314 -20.74 -12.94 18.78
N SER B 315 -19.82 -13.62 18.08
CA SER B 315 -18.98 -14.72 18.55
C SER B 315 -17.50 -14.41 18.24
N SER B 316 -16.60 -14.88 19.09
CA SER B 316 -15.15 -14.72 18.91
C SER B 316 -14.49 -16.03 19.23
N SER B 317 -13.75 -16.57 18.26
CA SER B 317 -13.03 -17.85 18.38
C SER B 317 -11.55 -17.66 18.61
N VAL B 318 -10.92 -18.59 19.38
CA VAL B 318 -9.46 -18.64 19.63
C VAL B 318 -8.93 -20.08 19.36
N THR B 319 -7.78 -20.19 18.64
CA THR B 319 -7.15 -21.48 18.37
C THR B 319 -5.83 -21.58 19.11
N VAL B 320 -5.72 -22.58 20.01
CA VAL B 320 -4.55 -22.84 20.85
C VAL B 320 -4.05 -24.29 20.71
N PRO B 321 -2.75 -24.61 21.04
CA PRO B 321 -2.29 -26.02 21.02
C PRO B 321 -2.94 -26.82 22.16
N SER B 322 -3.21 -28.14 21.94
CA SER B 322 -3.83 -29.05 22.91
C SER B 322 -3.02 -29.18 24.20
N SER B 323 -1.70 -28.86 24.15
CA SER B 323 -0.78 -28.93 25.27
C SER B 323 -1.03 -27.82 26.31
N THR B 324 -1.64 -26.71 25.86
CA THR B 324 -1.90 -25.53 26.71
C THR B 324 -3.32 -25.48 27.32
N TRP B 325 -4.27 -26.33 26.84
CA TRP B 325 -5.64 -26.34 27.35
C TRP B 325 -6.17 -27.80 27.41
N PRO B 326 -6.79 -28.26 28.53
CA PRO B 326 -7.24 -27.51 29.73
C PRO B 326 -6.20 -27.23 30.82
N SER B 327 -4.93 -27.70 30.66
CA SER B 327 -3.82 -27.47 31.62
C SER B 327 -3.64 -26.00 32.04
N GLU B 328 -3.87 -25.04 31.12
CA GLU B 328 -3.78 -23.59 31.40
C GLU B 328 -5.12 -22.91 31.10
N THR B 329 -5.43 -21.85 31.85
CA THR B 329 -6.71 -21.18 31.72
C THR B 329 -6.73 -20.25 30.50
N VAL B 330 -7.85 -20.30 29.78
CA VAL B 330 -8.15 -19.46 28.63
C VAL B 330 -9.40 -18.66 29.02
N THR B 331 -9.27 -17.34 29.01
CA THR B 331 -10.36 -16.45 29.38
C THR B 331 -10.57 -15.42 28.28
N CYS B 332 -11.85 -15.11 27.98
CA CYS B 332 -12.22 -14.08 27.02
C CYS B 332 -12.64 -12.82 27.78
N ASN B 333 -12.07 -11.69 27.38
CA ASN B 333 -12.35 -10.42 28.03
C ASN B 333 -13.26 -9.59 27.11
N VAL B 334 -14.50 -9.33 27.57
CA VAL B 334 -15.54 -8.60 26.82
C VAL B 334 -15.84 -7.21 27.45
N ALA B 335 -15.53 -6.14 26.70
CA ALA B 335 -15.75 -4.77 27.12
C ALA B 335 -16.84 -4.10 26.28
N HIS B 336 -17.79 -3.43 26.96
CA HIS B 336 -18.87 -2.68 26.30
C HIS B 336 -18.76 -1.22 26.77
N PRO B 337 -18.07 -0.35 25.99
CA PRO B 337 -17.87 1.05 26.42
C PRO B 337 -19.14 1.85 26.77
N ALA B 338 -20.20 1.70 25.94
CA ALA B 338 -21.50 2.35 26.07
C ALA B 338 -22.16 2.12 27.43
N SER B 339 -22.22 0.86 27.91
CA SER B 339 -22.81 0.54 29.22
C SER B 339 -21.75 0.58 30.34
N SER B 340 -20.46 0.82 29.97
CA SER B 340 -19.27 0.88 30.84
C SER B 340 -18.97 -0.47 31.55
N THR B 341 -19.40 -1.60 30.95
CA THR B 341 -19.19 -2.97 31.47
C THR B 341 -17.94 -3.63 30.85
N LYS B 342 -17.22 -4.41 31.68
CA LYS B 342 -15.99 -5.16 31.35
C LYS B 342 -16.03 -6.52 32.09
N VAL B 343 -16.28 -7.62 31.34
CA VAL B 343 -16.48 -9.00 31.82
C VAL B 343 -15.34 -9.96 31.38
N ASP B 344 -15.00 -10.94 32.22
CA ASP B 344 -14.03 -12.03 31.95
C ASP B 344 -14.74 -13.40 32.12
N LYS B 345 -14.59 -14.33 31.15
CA LYS B 345 -15.22 -15.65 31.22
C LYS B 345 -14.21 -16.74 30.88
N LYS B 346 -13.97 -17.66 31.87
CA LYS B 346 -13.04 -18.78 31.82
C LYS B 346 -13.64 -19.94 31.05
N ILE B 347 -12.85 -20.60 30.19
CA ILE B 347 -13.35 -21.72 29.41
C ILE B 347 -12.97 -23.01 30.09
N VAL B 348 -13.97 -23.66 30.75
CA VAL B 348 -13.82 -24.94 31.47
C VAL B 348 -14.26 -26.11 30.55
N PRO B 349 -13.59 -27.31 30.58
CA PRO B 349 -13.99 -28.40 29.68
C PRO B 349 -15.30 -29.12 30.04
N ARG B 350 -15.78 -29.95 29.12
CA ARG B 350 -16.99 -30.75 29.22
C ARG B 350 -16.61 -32.24 29.15
N ASP B 351 -17.54 -33.16 29.51
CA ASP B 351 -17.31 -34.60 29.40
C ASP B 351 -17.87 -35.16 28.07
N ALA C 1 35.26 2.47 12.90
CA ALA C 1 34.25 3.51 13.15
C ALA C 1 33.54 3.90 11.83
N ILE C 2 32.27 4.40 11.82
CA ILE C 2 31.30 4.53 12.94
C ILE C 2 30.24 3.45 12.73
N ARG C 3 30.10 2.57 13.73
CA ARG C 3 29.18 1.45 13.66
C ARG C 3 27.76 1.80 14.08
N MET C 4 26.85 1.46 13.19
CA MET C 4 25.43 1.64 13.35
C MET C 4 24.83 0.23 13.43
N THR C 5 24.41 -0.17 14.65
CA THR C 5 23.77 -1.44 14.97
C THR C 5 22.30 -1.23 15.33
N GLN C 6 21.43 -1.78 14.48
CA GLN C 6 19.95 -1.77 14.51
C GLN C 6 19.43 -2.95 15.32
N SER C 7 18.33 -2.74 16.03
CA SER C 7 17.72 -3.79 16.83
C SER C 7 16.20 -3.66 16.88
N PRO C 8 15.45 -4.78 16.84
CA PRO C 8 15.90 -6.16 16.68
C PRO C 8 16.25 -6.46 15.23
N SER C 9 16.79 -7.66 14.95
CA SER C 9 17.09 -8.09 13.58
C SER C 9 15.76 -8.35 12.86
N SER C 10 14.75 -8.82 13.62
CA SER C 10 13.42 -9.16 13.12
C SER C 10 12.34 -8.83 14.13
N LEU C 11 11.23 -8.29 13.64
CA LEU C 11 10.09 -7.93 14.46
C LEU C 11 8.82 -8.38 13.77
N SER C 12 7.92 -9.04 14.55
CA SER C 12 6.62 -9.56 14.10
C SER C 12 5.49 -8.69 14.66
N ALA C 13 4.62 -8.22 13.78
CA ALA C 13 3.49 -7.38 14.12
C ALA C 13 2.37 -7.56 13.10
N SER C 14 1.14 -7.15 13.45
CA SER C 14 -0.02 -7.27 12.56
C SER C 14 -0.56 -5.87 12.17
N PRO C 15 -1.30 -5.74 11.03
CA PRO C 15 -1.83 -4.43 10.63
C PRO C 15 -2.65 -3.73 11.72
N GLY C 16 -2.47 -2.43 11.84
CA GLY C 16 -3.15 -1.63 12.86
C GLY C 16 -2.31 -1.37 14.10
N ASP C 17 -1.21 -2.15 14.30
CA ASP C 17 -0.28 -2.08 15.42
C ASP C 17 0.62 -0.84 15.42
N LYS C 18 1.23 -0.54 16.58
CA LYS C 18 2.21 0.52 16.79
C LYS C 18 3.51 -0.22 17.12
N VAL C 19 4.60 0.12 16.39
CA VAL C 19 5.91 -0.50 16.60
C VAL C 19 7.03 0.51 16.69
N SER C 20 8.19 0.08 17.11
CA SER C 20 9.37 0.93 17.21
C SER C 20 10.64 0.13 16.97
N ILE C 21 11.55 0.69 16.14
CA ILE C 21 12.86 0.11 15.75
C ILE C 21 13.98 1.01 16.32
N THR C 22 15.03 0.43 16.88
CA THR C 22 16.14 1.21 17.41
C THR C 22 17.37 1.18 16.46
N CYS C 23 18.23 2.19 16.60
CA CYS C 23 19.48 2.31 15.86
C CYS C 23 20.50 2.96 16.79
N ARG C 24 21.59 2.23 17.11
CA ARG C 24 22.65 2.68 18.03
C ARG C 24 23.91 3.04 17.26
N ALA C 25 24.53 4.17 17.64
CA ALA C 25 25.76 4.69 17.02
C ALA C 25 27.00 4.46 17.91
N SER C 26 28.15 4.07 17.30
CA SER C 26 29.42 3.82 18.00
C SER C 26 29.82 5.02 18.84
N GLN C 27 30.03 6.14 18.15
CA GLN C 27 30.39 7.42 18.70
C GLN C 27 29.08 8.21 18.69
N HIS C 28 29.09 9.41 19.25
CA HIS C 28 27.97 10.33 19.30
C HIS C 28 27.89 10.96 17.91
N ILE C 29 26.68 11.23 17.41
CA ILE C 29 26.56 11.80 16.05
C ILE C 29 25.55 12.88 15.81
N ASN C 30 25.07 13.56 16.85
CA ASN C 30 24.12 14.66 16.68
C ASN C 30 22.79 14.26 16.04
N ASP C 31 22.50 14.84 14.88
CA ASP C 31 21.24 14.64 14.19
C ASP C 31 21.39 14.07 12.79
N SER C 32 22.63 13.82 12.40
CA SER C 32 23.08 13.34 11.09
C SER C 32 22.77 11.85 10.83
N LEU C 33 21.45 11.52 10.75
CA LEU C 33 20.89 10.18 10.56
C LEU C 33 19.71 10.20 9.62
N ALA C 34 19.63 9.19 8.74
CA ALA C 34 18.54 8.97 7.79
C ALA C 34 17.90 7.58 7.93
N TRP C 35 16.60 7.46 7.61
CA TRP C 35 15.88 6.18 7.61
C TRP C 35 15.43 5.87 6.20
N PHE C 36 15.74 4.67 5.75
CA PHE C 36 15.36 4.14 4.43
C PHE C 36 14.42 2.98 4.59
N GLN C 37 13.52 2.81 3.60
CA GLN C 37 12.55 1.69 3.54
C GLN C 37 12.81 0.90 2.27
N GLN C 38 12.83 -0.44 2.38
CA GLN C 38 12.99 -1.33 1.25
C GLN C 38 11.99 -2.48 1.32
N ARG C 39 11.07 -2.49 0.35
CA ARG C 39 10.06 -3.53 0.22
C ARG C 39 10.69 -4.68 -0.59
N PRO C 40 10.33 -5.97 -0.32
CA PRO C 40 10.89 -7.09 -1.13
C PRO C 40 10.76 -6.89 -2.66
N GLY C 41 11.87 -7.18 -3.35
CA GLY C 41 11.98 -7.00 -4.80
C GLY C 41 12.16 -5.57 -5.28
N LYS C 42 12.19 -4.55 -4.36
CA LYS C 42 12.26 -3.15 -4.79
C LYS C 42 13.54 -2.37 -4.36
N ALA C 43 13.74 -1.15 -4.97
CA ALA C 43 14.85 -0.22 -4.68
C ALA C 43 14.58 0.52 -3.36
N PRO C 44 15.59 0.99 -2.59
CA PRO C 44 15.28 1.72 -1.35
C PRO C 44 14.55 3.05 -1.54
N LYS C 45 14.05 3.61 -0.42
CA LYS C 45 13.29 4.85 -0.39
C LYS C 45 13.60 5.64 0.90
N LEU C 46 13.92 6.93 0.76
CA LEU C 46 14.18 7.82 1.89
C LEU C 46 12.88 8.13 2.57
N LEU C 47 12.83 7.94 3.89
CA LEU C 47 11.67 8.23 4.71
C LEU C 47 11.92 9.43 5.61
N ILE C 48 12.96 9.34 6.44
CA ILE C 48 13.29 10.37 7.41
C ILE C 48 14.73 10.81 7.20
N TYR C 49 14.98 12.11 7.27
CA TYR C 49 16.33 12.68 7.24
C TYR C 49 16.49 13.56 8.48
N GLY C 50 17.73 13.84 8.84
CA GLY C 50 18.06 14.66 10.00
C GLY C 50 17.43 14.16 11.29
N ALA C 51 17.42 12.83 11.49
CA ALA C 51 16.84 12.13 12.65
C ALA C 51 15.32 12.17 12.73
N SER C 52 14.74 13.38 12.60
CA SER C 52 13.32 13.65 12.85
C SER C 52 12.50 14.23 11.71
N ASN C 53 13.14 14.61 10.59
CA ASN C 53 12.45 15.27 9.48
C ASN C 53 11.91 14.31 8.43
N LEU C 54 10.59 14.37 8.20
CA LEU C 54 9.90 13.52 7.23
C LEU C 54 10.19 14.02 5.83
N HIS C 55 10.62 13.14 4.96
CA HIS C 55 10.85 13.49 3.57
C HIS C 55 9.44 13.72 2.91
N SER C 56 9.38 14.66 1.96
CA SER C 56 8.16 15.01 1.23
C SER C 56 7.42 13.81 0.65
N GLY C 57 6.16 13.61 1.05
CA GLY C 57 5.30 12.55 0.53
C GLY C 57 5.28 11.21 1.27
N VAL C 58 5.80 11.18 2.51
CA VAL C 58 5.87 10.01 3.41
C VAL C 58 4.74 10.20 4.47
N PRO C 59 3.90 9.16 4.75
CA PRO C 59 2.82 9.33 5.74
C PRO C 59 3.26 9.74 7.15
N SER C 60 2.39 10.50 7.84
CA SER C 60 2.62 11.01 9.20
C SER C 60 2.67 9.91 10.25
N ARG C 61 2.39 8.64 9.82
CA ARG C 61 2.47 7.47 10.69
C ARG C 61 3.94 7.13 10.98
N PHE C 62 4.84 7.50 10.05
CA PHE C 62 6.28 7.36 10.20
C PHE C 62 6.78 8.56 10.96
N SER C 63 7.41 8.32 12.11
CA SER C 63 7.99 9.33 13.00
C SER C 63 9.40 8.88 13.42
N GLY C 64 10.37 9.79 13.31
CA GLY C 64 11.77 9.53 13.66
C GLY C 64 12.16 10.41 14.82
N THR C 65 12.97 9.86 15.73
CA THR C 65 13.34 10.55 16.96
C THR C 65 14.77 10.19 17.38
N GLY C 66 15.48 11.12 18.02
CA GLY C 66 16.81 10.86 18.55
C GLY C 66 17.89 11.91 18.35
N SER C 67 18.94 11.81 19.19
CA SER C 67 20.12 12.69 19.13
C SER C 67 21.33 11.96 19.70
N GLY C 68 22.50 12.23 19.11
CA GLY C 68 23.76 11.66 19.57
C GLY C 68 23.99 10.22 19.20
N THR C 69 23.61 9.29 20.09
CA THR C 69 23.88 7.86 19.89
C THR C 69 22.64 6.95 19.74
N ASP C 70 21.48 7.39 20.28
CA ASP C 70 20.24 6.59 20.22
C ASP C 70 19.18 7.19 19.34
N PHE C 71 18.72 6.39 18.35
CA PHE C 71 17.72 6.83 17.37
C PHE C 71 16.60 5.82 17.24
N THR C 72 15.36 6.31 17.13
CA THR C 72 14.16 5.47 17.02
C THR C 72 13.28 5.82 15.83
N LEU C 73 12.67 4.78 15.23
CA LEU C 73 11.68 4.82 14.15
C LEU C 73 10.39 4.19 14.64
N THR C 74 9.30 4.99 14.63
CA THR C 74 7.97 4.62 15.07
C THR C 74 6.97 4.67 13.90
N ILE C 75 6.22 3.56 13.72
CA ILE C 75 5.17 3.42 12.74
C ILE C 75 3.97 3.04 13.56
N THR C 76 2.99 3.94 13.60
CA THR C 76 1.73 3.74 14.35
C THR C 76 0.65 3.42 13.32
N GLY C 77 -0.10 2.36 13.57
CA GLY C 77 -1.20 1.93 12.69
C GLY C 77 -0.68 1.43 11.36
N LEU C 78 0.00 0.27 11.41
CA LEU C 78 0.64 -0.39 10.27
C LEU C 78 -0.32 -0.78 9.18
N GLN C 79 0.14 -0.64 7.91
CA GLN C 79 -0.58 -1.02 6.70
C GLN C 79 0.23 -2.09 5.99
N SER C 80 -0.42 -2.87 5.13
CA SER C 80 0.19 -3.98 4.40
C SER C 80 1.51 -3.64 3.70
N GLU C 81 1.59 -2.43 3.14
CA GLU C 81 2.78 -1.92 2.42
C GLU C 81 3.93 -1.55 3.36
N ASP C 82 3.70 -1.53 4.69
CA ASP C 82 4.74 -1.17 5.68
C ASP C 82 5.62 -2.35 6.09
N PHE C 83 5.25 -3.58 5.70
CA PHE C 83 6.03 -4.78 6.00
C PHE C 83 7.18 -4.79 5.02
N ALA C 84 8.34 -4.35 5.49
CA ALA C 84 9.51 -4.13 4.68
C ALA C 84 10.75 -4.17 5.55
N THR C 85 11.96 -4.00 4.95
CA THR C 85 13.26 -3.89 5.63
C THR C 85 13.59 -2.39 5.82
N TYR C 86 14.06 -2.05 7.03
CA TYR C 86 14.38 -0.67 7.37
C TYR C 86 15.85 -0.54 7.73
N PHE C 87 16.54 0.40 7.08
CA PHE C 87 17.95 0.69 7.32
C PHE C 87 18.14 2.13 7.83
N CYS C 88 19.01 2.29 8.83
CA CYS C 88 19.40 3.60 9.33
C CYS C 88 20.79 3.87 8.75
N GLN C 89 21.15 5.14 8.54
CA GLN C 89 22.45 5.53 7.99
C GLN C 89 23.00 6.79 8.69
N GLN C 90 24.27 6.76 9.12
CA GLN C 90 25.02 7.88 9.73
C GLN C 90 25.59 8.70 8.56
N CYS C 91 25.34 10.02 8.49
CA CYS C 91 25.79 10.81 7.33
C CYS C 91 26.76 11.93 7.67
N ASN C 92 27.25 12.01 8.94
CA ASN C 92 28.20 13.06 9.33
C ASN C 92 29.66 12.76 8.96
N CYS C 93 30.12 11.52 9.18
CA CYS C 93 31.51 11.12 8.94
C CYS C 93 31.68 10.13 7.81
N PHE C 94 32.85 10.20 7.17
CA PHE C 94 33.23 9.31 6.10
C PHE C 94 33.77 7.98 6.69
N PRO C 95 33.37 6.79 6.22
CA PRO C 95 32.31 6.53 5.23
C PRO C 95 30.93 6.64 5.87
N PRO C 96 29.91 7.13 5.13
CA PRO C 96 28.56 7.19 5.72
C PRO C 96 27.89 5.80 5.64
N ASP C 97 28.22 4.96 6.63
CA ASP C 97 27.81 3.56 6.66
C ASP C 97 26.41 3.31 7.19
N PHE C 98 25.74 2.35 6.54
CA PHE C 98 24.41 1.88 6.83
C PHE C 98 24.40 0.92 8.01
N GLY C 99 23.23 0.76 8.62
CA GLY C 99 22.98 -0.23 9.66
C GLY C 99 22.75 -1.56 8.96
N GLN C 100 22.64 -2.66 9.72
CA GLN C 100 22.46 -3.96 9.07
C GLN C 100 20.99 -4.28 8.72
N GLY C 101 20.06 -3.42 9.11
CA GLY C 101 18.64 -3.56 8.78
C GLY C 101 17.80 -4.29 9.81
N THR C 102 16.50 -4.00 9.80
CA THR C 102 15.49 -4.62 10.67
C THR C 102 14.37 -5.02 9.76
N ARG C 103 14.04 -6.31 9.72
CA ARG C 103 12.96 -6.84 8.88
C ARG C 103 11.66 -6.89 9.67
N LEU C 104 10.63 -6.21 9.14
CA LEU C 104 9.31 -6.14 9.73
C LEU C 104 8.43 -7.10 8.96
N GLU C 105 8.00 -8.19 9.62
CA GLU C 105 7.21 -9.25 9.03
C GLU C 105 5.81 -9.39 9.65
N ILE C 106 4.90 -10.13 8.96
CA ILE C 106 3.52 -10.33 9.44
C ILE C 106 3.43 -11.46 10.50
N LYS C 107 2.95 -11.13 11.70
CA LYS C 107 2.71 -12.09 12.78
C LYS C 107 1.37 -12.79 12.54
N ARG C 108 1.41 -14.00 11.98
CA ARG C 108 0.25 -14.84 11.74
C ARG C 108 0.27 -15.97 12.78
N ALA C 109 -0.75 -16.85 12.76
CA ALA C 109 -0.88 -18.01 13.64
C ALA C 109 0.25 -19.01 13.36
N ASP C 110 0.79 -19.65 14.41
CA ASP C 110 1.88 -20.63 14.28
C ASP C 110 1.37 -21.78 13.48
N ALA C 111 2.22 -22.36 12.62
CA ALA C 111 1.83 -23.49 11.77
C ALA C 111 3.00 -24.43 11.62
N ALA C 112 2.73 -25.72 11.69
CA ALA C 112 3.75 -26.76 11.61
C ALA C 112 4.16 -27.02 10.16
N PRO C 113 5.43 -27.44 9.89
CA PRO C 113 5.83 -27.71 8.49
C PRO C 113 5.25 -29.00 7.90
N THR C 114 5.01 -29.00 6.56
CA THR C 114 4.58 -30.17 5.81
C THR C 114 5.84 -30.76 5.19
N VAL C 115 6.31 -31.85 5.80
CA VAL C 115 7.58 -32.52 5.45
C VAL C 115 7.36 -33.64 4.44
N SER C 116 8.11 -33.56 3.31
CA SER C 116 8.11 -34.53 2.20
C SER C 116 9.54 -34.91 1.86
N ILE C 117 9.78 -36.19 1.65
CA ILE C 117 11.07 -36.77 1.27
C ILE C 117 10.93 -37.45 -0.13
N PHE C 118 11.92 -37.22 -1.02
CA PHE C 118 11.93 -37.78 -2.36
C PHE C 118 13.25 -38.44 -2.69
N PRO C 119 13.19 -39.67 -3.22
CA PRO C 119 14.43 -40.35 -3.57
C PRO C 119 14.98 -39.88 -4.92
N PRO C 120 16.30 -40.12 -5.21
CA PRO C 120 16.84 -39.78 -6.54
C PRO C 120 16.09 -40.50 -7.69
N SER C 121 15.69 -39.75 -8.75
CA SER C 121 14.92 -40.22 -9.91
C SER C 121 15.70 -41.25 -10.72
N SER C 122 14.99 -42.14 -11.47
CA SER C 122 15.63 -43.17 -12.30
C SER C 122 16.46 -42.57 -13.45
N GLU C 123 16.16 -41.32 -13.86
CA GLU C 123 16.87 -40.56 -14.89
C GLU C 123 18.18 -39.97 -14.34
N GLN C 124 18.15 -39.40 -13.10
CA GLN C 124 19.33 -38.90 -12.41
C GLN C 124 20.28 -40.05 -12.08
N LEU C 125 19.71 -41.21 -11.70
CA LEU C 125 20.45 -42.41 -11.34
C LEU C 125 21.18 -43.02 -12.53
N THR C 126 20.52 -43.08 -13.69
CA THR C 126 21.13 -43.65 -14.89
C THR C 126 21.97 -42.56 -15.62
N SER C 127 22.72 -41.78 -14.81
CA SER C 127 23.68 -40.74 -15.19
C SER C 127 24.80 -40.62 -14.12
N GLY C 128 24.77 -41.52 -13.12
CA GLY C 128 25.77 -41.61 -12.07
C GLY C 128 25.52 -40.84 -10.79
N GLY C 129 24.58 -39.88 -10.83
CA GLY C 129 24.24 -39.01 -9.70
C GLY C 129 23.15 -39.57 -8.81
N ALA C 130 22.95 -38.92 -7.63
CA ALA C 130 21.96 -39.25 -6.58
C ALA C 130 21.74 -38.11 -5.57
N SER C 131 20.59 -37.38 -5.70
CA SER C 131 20.13 -36.30 -4.79
C SER C 131 18.82 -36.69 -4.07
N VAL C 132 18.87 -36.66 -2.74
CA VAL C 132 17.73 -36.95 -1.87
C VAL C 132 17.18 -35.57 -1.45
N VAL C 133 15.97 -35.23 -1.87
CA VAL C 133 15.35 -33.93 -1.61
C VAL C 133 14.26 -34.01 -0.56
N CYS C 134 14.29 -33.06 0.37
CA CYS C 134 13.30 -32.93 1.41
C CYS C 134 12.69 -31.53 1.39
N PHE C 135 11.36 -31.42 1.51
CA PHE C 135 10.63 -30.14 1.55
C PHE C 135 9.99 -29.97 2.94
N LEU C 136 10.14 -28.76 3.51
CA LEU C 136 9.59 -28.30 4.79
C LEU C 136 8.84 -27.06 4.37
N ASN C 137 7.54 -27.20 4.14
CA ASN C 137 6.69 -26.13 3.58
C ASN C 137 5.65 -25.61 4.51
N ASN C 138 5.35 -24.30 4.32
CA ASN C 138 4.29 -23.54 4.96
C ASN C 138 4.29 -23.64 6.46
N PHE C 139 5.37 -23.19 7.08
CA PHE C 139 5.47 -23.14 8.53
C PHE C 139 5.59 -21.66 9.01
N TYR C 140 5.17 -21.44 10.24
CA TYR C 140 5.27 -20.18 10.98
C TYR C 140 5.51 -20.53 12.45
N PRO C 141 6.50 -19.86 13.14
CA PRO C 141 7.42 -18.81 12.66
C PRO C 141 8.63 -19.31 11.86
N LYS C 142 9.45 -18.39 11.30
CA LYS C 142 10.65 -18.60 10.46
C LYS C 142 11.65 -19.68 10.93
N ASP C 143 11.89 -19.74 12.22
CA ASP C 143 12.90 -20.60 12.83
C ASP C 143 12.55 -22.07 12.72
N ILE C 144 13.47 -22.85 12.12
CA ILE C 144 13.36 -24.29 11.86
C ILE C 144 14.75 -24.94 11.81
N ASN C 145 14.85 -26.21 12.18
CA ASN C 145 16.09 -26.95 12.16
C ASN C 145 15.91 -28.24 11.32
N VAL C 146 16.76 -28.45 10.28
CA VAL C 146 16.71 -29.68 9.47
C VAL C 146 17.93 -30.60 9.79
N LYS C 147 17.71 -31.94 9.76
CA LYS C 147 18.73 -32.95 10.05
C LYS C 147 18.53 -34.19 9.16
N TRP C 148 19.64 -34.72 8.60
CA TRP C 148 19.64 -35.92 7.76
C TRP C 148 20.29 -37.09 8.49
N LYS C 149 19.65 -38.28 8.39
CA LYS C 149 20.13 -39.52 9.00
C LYS C 149 20.09 -40.63 7.96
N ILE C 150 21.27 -41.17 7.61
CA ILE C 150 21.44 -42.30 6.66
C ILE C 150 21.66 -43.57 7.50
N ASP C 151 20.67 -44.47 7.47
CA ASP C 151 20.68 -45.71 8.25
C ASP C 151 20.85 -45.45 9.76
N GLY C 152 20.15 -44.42 10.24
CA GLY C 152 20.14 -43.99 11.63
C GLY C 152 21.35 -43.20 12.08
N SER C 153 22.26 -42.85 11.15
CA SER C 153 23.47 -42.07 11.42
C SER C 153 23.39 -40.67 10.82
N GLU C 154 23.67 -39.64 11.64
CA GLU C 154 23.67 -38.22 11.24
C GLU C 154 24.62 -37.99 10.04
N ARG C 155 24.24 -37.04 9.13
CA ARG C 155 25.01 -36.70 7.92
C ARG C 155 24.91 -35.19 7.58
N GLN C 156 26.06 -34.49 7.53
CA GLN C 156 26.16 -33.06 7.22
C GLN C 156 26.81 -32.72 5.87
N ASN C 157 27.76 -33.56 5.42
CA ASN C 157 28.48 -33.40 4.15
C ASN C 157 27.54 -33.57 2.94
N GLY C 158 27.63 -32.64 2.00
CA GLY C 158 26.86 -32.69 0.75
C GLY C 158 25.41 -32.24 0.88
N VAL C 159 25.08 -31.56 2.00
CA VAL C 159 23.75 -31.03 2.28
C VAL C 159 23.68 -29.54 1.86
N LEU C 160 22.72 -29.17 1.00
CA LEU C 160 22.51 -27.78 0.59
C LEU C 160 21.08 -27.36 0.88
N ASN C 161 20.94 -26.26 1.60
CA ASN C 161 19.67 -25.72 2.08
C ASN C 161 19.25 -24.46 1.35
N SER C 162 17.91 -24.19 1.27
CA SER C 162 17.35 -23.00 0.63
C SER C 162 16.05 -22.53 1.29
N TRP C 163 15.99 -21.23 1.62
CA TRP C 163 14.84 -20.64 2.31
C TRP C 163 14.16 -19.57 1.49
N THR C 164 12.82 -19.66 1.37
CA THR C 164 12.00 -18.63 0.70
C THR C 164 11.80 -17.42 1.66
N ASP C 165 11.35 -16.31 1.10
CA ASP C 165 11.03 -15.15 1.90
C ASP C 165 9.58 -15.34 2.39
N GLN C 166 9.09 -14.55 3.38
CA GLN C 166 7.71 -14.66 3.85
C GLN C 166 6.75 -14.59 2.67
N ASP C 167 5.90 -15.62 2.54
CA ASP C 167 4.95 -15.70 1.44
C ASP C 167 4.00 -14.50 1.41
N SER C 168 3.91 -13.88 0.22
CA SER C 168 3.14 -12.69 -0.10
C SER C 168 1.62 -12.97 -0.08
N LYS C 169 1.22 -14.24 0.09
CA LYS C 169 -0.18 -14.60 0.08
C LYS C 169 -0.73 -15.19 1.39
N ASP C 170 0.04 -16.09 2.06
CA ASP C 170 -0.44 -16.78 3.27
C ASP C 170 0.44 -16.48 4.51
N SER C 171 1.56 -15.76 4.30
CA SER C 171 2.50 -15.31 5.33
C SER C 171 3.36 -16.42 5.91
N THR C 172 3.34 -17.61 5.29
CA THR C 172 4.17 -18.69 5.80
C THR C 172 5.61 -18.58 5.28
N TYR C 173 6.44 -19.53 5.69
CA TYR C 173 7.80 -19.71 5.24
C TYR C 173 7.96 -21.15 4.74
N SER C 174 8.86 -21.34 3.79
CA SER C 174 9.18 -22.65 3.24
C SER C 174 10.68 -22.86 3.13
N MET C 175 11.08 -24.12 3.12
CA MET C 175 12.47 -24.53 3.08
C MET C 175 12.64 -25.83 2.31
N SER C 176 13.77 -25.94 1.59
CA SER C 176 14.17 -27.08 0.76
C SER C 176 15.62 -27.50 1.12
N SER C 177 15.80 -28.77 1.50
CA SER C 177 17.11 -29.33 1.86
C SER C 177 17.46 -30.49 0.91
N THR C 178 18.68 -30.46 0.35
CA THR C 178 19.13 -31.49 -0.60
C THR C 178 20.43 -32.17 -0.18
N LEU C 179 20.38 -33.49 -0.02
CA LEU C 179 21.55 -34.29 0.26
C LEU C 179 22.01 -34.91 -1.06
N THR C 180 23.17 -34.48 -1.56
CA THR C 180 23.73 -34.95 -2.84
C THR C 180 24.93 -35.86 -2.61
N LEU C 181 24.92 -37.03 -3.29
CA LEU C 181 25.99 -38.04 -3.25
C LEU C 181 26.05 -38.79 -4.57
N THR C 182 26.97 -39.78 -4.62
CA THR C 182 27.23 -40.65 -5.77
C THR C 182 26.24 -41.84 -5.82
N LYS C 183 26.08 -42.46 -7.04
CA LYS C 183 25.21 -43.62 -7.29
C LYS C 183 25.73 -44.77 -6.45
N ASP C 184 27.04 -44.81 -6.20
CA ASP C 184 27.66 -45.89 -5.43
C ASP C 184 27.45 -45.71 -3.92
N GLU C 185 27.71 -44.48 -3.38
CA GLU C 185 27.52 -44.12 -1.97
C GLU C 185 26.08 -44.45 -1.57
N TYR C 186 25.11 -44.04 -2.41
CA TYR C 186 23.69 -44.32 -2.24
C TYR C 186 23.34 -45.69 -2.88
N GLU C 187 22.94 -46.68 -2.07
CA GLU C 187 22.55 -47.98 -2.63
C GLU C 187 21.27 -48.61 -1.99
N ARG C 188 20.34 -47.75 -1.43
CA ARG C 188 19.16 -48.22 -0.67
C ARG C 188 17.77 -47.68 -1.12
N HIS C 189 16.71 -48.13 -0.42
CA HIS C 189 15.32 -47.77 -0.74
C HIS C 189 14.44 -47.39 0.49
N ASN C 190 14.93 -47.54 1.75
CA ASN C 190 14.13 -47.26 2.97
C ASN C 190 14.94 -46.77 4.20
N SER C 191 16.23 -46.48 4.02
CA SER C 191 17.11 -46.08 5.13
C SER C 191 17.69 -44.66 5.01
N TYR C 192 16.81 -43.70 4.63
CA TYR C 192 17.10 -42.25 4.50
C TYR C 192 16.04 -41.42 5.24
N THR C 193 16.49 -40.62 6.25
CA THR C 193 15.61 -39.83 7.11
C THR C 193 15.85 -38.31 6.97
N CYS C 194 14.75 -37.53 7.11
CA CYS C 194 14.73 -36.08 7.09
C CYS C 194 14.00 -35.68 8.37
N GLU C 195 14.69 -34.98 9.28
CA GLU C 195 14.14 -34.59 10.58
C GLU C 195 13.99 -33.10 10.74
N ALA C 196 12.75 -32.64 11.04
CA ALA C 196 12.46 -31.21 11.22
C ALA C 196 12.06 -30.83 12.66
N THR C 197 12.85 -29.94 13.30
CA THR C 197 12.56 -29.44 14.64
C THR C 197 12.11 -27.97 14.53
N HIS C 198 10.88 -27.69 15.03
CA HIS C 198 10.18 -26.40 14.93
C HIS C 198 9.33 -26.19 16.20
N LYS C 199 9.14 -24.89 16.59
CA LYS C 199 8.36 -24.34 17.71
C LYS C 199 7.03 -25.08 18.04
N THR C 200 6.27 -25.46 17.00
CA THR C 200 4.97 -26.13 17.12
C THR C 200 5.03 -27.58 17.67
N SER C 201 6.24 -28.12 17.98
CA SER C 201 6.39 -29.48 18.50
C SER C 201 7.67 -29.72 19.28
N THR C 202 7.56 -30.50 20.37
CA THR C 202 8.68 -30.92 21.23
C THR C 202 9.48 -32.01 20.50
N SER C 203 8.76 -32.99 19.91
CA SER C 203 9.31 -34.10 19.16
C SER C 203 9.47 -33.68 17.70
N PRO C 204 10.62 -33.96 17.05
CA PRO C 204 10.78 -33.53 15.64
C PRO C 204 9.89 -34.33 14.68
N ILE C 205 9.63 -33.76 13.50
CA ILE C 205 8.86 -34.45 12.48
C ILE C 205 9.87 -35.31 11.70
N VAL C 206 9.63 -36.64 11.64
CA VAL C 206 10.54 -37.53 10.93
C VAL C 206 9.87 -38.10 9.70
N LYS C 207 10.57 -38.01 8.57
CA LYS C 207 10.12 -38.51 7.26
C LYS C 207 11.25 -39.37 6.69
N SER C 208 10.96 -40.66 6.45
CA SER C 208 11.93 -41.66 5.97
C SER C 208 11.46 -42.33 4.69
N GLU D 1 10.27 14.76 -13.68
CA GLU D 1 10.85 14.13 -12.50
C GLU D 1 12.26 13.58 -12.74
N VAL D 2 13.07 13.56 -11.66
CA VAL D 2 14.46 13.06 -11.67
C VAL D 2 14.51 11.53 -11.77
N GLN D 3 15.21 11.03 -12.79
CA GLN D 3 15.42 9.61 -13.03
C GLN D 3 16.90 9.33 -13.19
N LEU D 4 17.33 8.17 -12.68
CA LEU D 4 18.70 7.70 -12.78
C LEU D 4 18.65 6.28 -13.34
N VAL D 5 19.30 6.02 -14.51
CA VAL D 5 19.23 4.67 -15.05
C VAL D 5 20.63 4.05 -15.11
N GLU D 6 20.79 2.85 -14.47
CA GLU D 6 22.07 2.16 -14.47
C GLU D 6 22.10 1.14 -15.60
N THR D 7 23.20 1.20 -16.39
CA THR D 7 23.49 0.44 -17.59
C THR D 7 24.81 -0.33 -17.43
N GLY D 8 24.86 -1.52 -17.99
CA GLY D 8 26.04 -2.37 -17.95
C GLY D 8 25.76 -3.83 -18.23
N PRO D 9 26.78 -4.73 -18.02
CA PRO D 9 26.56 -6.16 -18.28
C PRO D 9 25.75 -6.86 -17.19
N GLY D 10 25.42 -8.14 -17.45
CA GLY D 10 24.72 -9.00 -16.51
C GLY D 10 25.71 -9.90 -15.82
N LEU D 18 34.39 -5.08 -14.12
CA LEU D 18 33.03 -4.53 -14.11
C LEU D 18 32.95 -3.01 -14.42
N SER D 19 32.14 -2.64 -15.41
CA SER D 19 31.95 -1.25 -15.83
C SER D 19 30.44 -0.91 -15.91
N LEU D 20 29.99 0.01 -15.01
CA LEU D 20 28.61 0.48 -14.92
C LEU D 20 28.52 1.96 -15.13
N THR D 21 27.41 2.43 -15.71
CA THR D 21 27.14 3.83 -15.98
C THR D 21 25.74 4.20 -15.50
N CYS D 22 25.57 5.45 -15.01
CA CYS D 22 24.30 5.99 -14.55
C CYS D 22 23.91 7.17 -15.42
N ALA D 23 22.76 7.08 -16.14
CA ALA D 23 22.23 8.14 -16.99
C ALA D 23 21.15 8.96 -16.25
N VAL D 24 21.48 10.23 -16.00
CA VAL D 24 20.70 11.20 -15.24
C VAL D 24 19.76 12.02 -16.14
N SER D 25 18.47 12.03 -15.77
CA SER D 25 17.36 12.69 -16.46
C SER D 25 16.60 13.60 -15.50
N GLY D 26 16.18 14.77 -15.98
CA GLY D 26 15.45 15.73 -15.18
C GLY D 26 16.27 16.52 -14.19
N ASP D 27 17.62 16.45 -14.32
CA ASP D 27 18.59 17.18 -13.48
C ASP D 27 19.91 17.38 -14.28
N TYR D 28 20.87 18.13 -13.70
CA TYR D 28 22.23 18.33 -14.25
C TYR D 28 23.20 17.72 -13.26
N VAL D 29 24.23 17.00 -13.76
CA VAL D 29 25.23 16.38 -12.89
C VAL D 29 26.17 17.44 -12.31
N ASN D 30 26.43 18.52 -13.10
CA ASN D 30 27.28 19.63 -12.71
C ASN D 30 26.59 20.59 -11.72
N THR D 31 26.02 20.03 -10.62
CA THR D 31 25.35 20.78 -9.54
C THR D 31 25.85 20.29 -8.16
N ASN D 32 25.53 21.00 -7.07
CA ASN D 32 25.92 20.67 -5.70
C ASN D 32 25.15 19.45 -5.16
N ARG D 33 25.53 18.28 -5.70
CA ARG D 33 25.02 16.94 -5.44
C ARG D 33 26.27 16.02 -5.30
N ARG D 34 26.10 14.87 -4.64
CA ARG D 34 27.15 13.86 -4.53
C ARG D 34 26.60 12.58 -5.23
N TRP D 35 27.09 12.33 -6.45
CA TRP D 35 26.66 11.20 -7.27
C TRP D 35 27.32 9.94 -6.72
N SER D 36 26.47 9.04 -6.17
CA SER D 36 26.83 7.86 -5.38
C SER D 36 26.44 6.47 -5.99
N TRP D 37 27.09 5.41 -5.46
CA TRP D 37 26.87 4.00 -5.76
C TRP D 37 26.77 3.23 -4.46
N VAL D 38 25.77 2.36 -4.45
CA VAL D 38 25.41 1.50 -3.33
C VAL D 38 25.21 0.09 -3.96
N ARG D 39 25.52 -1.00 -3.22
CA ARG D 39 25.31 -2.37 -3.70
C ARG D 39 24.66 -3.25 -2.63
N GLN D 40 24.04 -4.33 -3.07
CA GLN D 40 23.39 -5.27 -2.17
C GLN D 40 23.58 -6.70 -2.65
N ALA D 41 24.26 -7.52 -1.82
CA ALA D 41 24.50 -8.93 -2.09
C ALA D 41 23.14 -9.69 -2.05
N PRO D 42 23.00 -10.88 -2.70
CA PRO D 42 21.70 -11.60 -2.77
C PRO D 42 20.86 -11.77 -1.49
N GLY D 43 21.47 -11.99 -0.32
CA GLY D 43 20.69 -12.10 0.92
C GLY D 43 21.05 -11.10 2.00
N LYS D 44 22.01 -10.19 1.70
CA LYS D 44 22.58 -9.20 2.60
C LYS D 44 21.86 -7.83 2.65
N GLY D 45 22.50 -6.88 3.37
CA GLY D 45 22.09 -5.50 3.57
C GLY D 45 22.74 -4.54 2.61
N LEU D 46 22.49 -3.23 2.77
CA LEU D 46 23.06 -2.21 1.86
C LEU D 46 24.50 -1.88 2.24
N GLU D 47 25.37 -1.77 1.21
CA GLU D 47 26.77 -1.38 1.36
C GLU D 47 27.06 -0.14 0.52
N TRP D 48 27.49 0.95 1.19
CA TRP D 48 27.88 2.21 0.54
C TRP D 48 29.26 2.00 -0.16
N ILE D 49 29.30 2.10 -1.50
CA ILE D 49 30.52 1.89 -2.29
C ILE D 49 31.43 3.14 -2.28
N GLY D 50 30.90 4.28 -2.74
CA GLY D 50 31.61 5.54 -2.82
C GLY D 50 30.82 6.64 -3.49
N GLU D 51 31.45 7.80 -3.73
CA GLU D 51 30.77 8.97 -4.33
C GLU D 51 31.75 9.95 -4.95
N VAL D 52 31.24 10.71 -5.94
CA VAL D 52 31.99 11.76 -6.67
C VAL D 52 31.29 13.12 -6.49
N HIS D 53 32.10 14.13 -6.11
CA HIS D 53 31.70 15.52 -5.82
C HIS D 53 31.85 16.37 -7.09
N GLN D 54 31.20 17.55 -7.11
CA GLN D 54 31.22 18.51 -8.23
C GLN D 54 32.65 18.83 -8.70
N SER D 55 33.59 18.94 -7.73
CA SER D 55 34.99 19.25 -7.93
C SER D 55 35.77 18.12 -8.58
N GLY D 56 35.13 16.94 -8.71
CA GLY D 56 35.75 15.75 -9.29
C GLY D 56 36.35 14.81 -8.25
N ARG D 57 36.47 15.29 -6.99
CA ARG D 57 36.96 14.59 -5.78
C ARG D 57 36.07 13.34 -5.53
N THR D 58 36.72 12.29 -5.07
CA THR D 58 36.13 10.98 -4.84
C THR D 58 36.40 10.48 -3.42
N ASN D 59 35.42 9.74 -2.85
CA ASN D 59 35.50 9.11 -1.53
C ASN D 59 35.02 7.67 -1.71
N TYR D 60 35.69 6.70 -1.08
CA TYR D 60 35.38 5.28 -1.24
C TYR D 60 35.37 4.55 0.09
N ASN D 61 34.46 3.57 0.29
CA ASN D 61 34.39 2.80 1.53
C ASN D 61 35.71 2.06 1.73
N PRO D 62 36.41 2.33 2.86
CA PRO D 62 37.70 1.66 3.11
C PRO D 62 37.64 0.14 3.04
N SER D 63 36.48 -0.44 3.42
CA SER D 63 36.18 -1.88 3.42
C SER D 63 36.28 -2.55 2.03
N LEU D 64 36.45 -1.74 0.96
CA LEU D 64 36.55 -2.21 -0.42
C LEU D 64 37.98 -2.42 -0.89
N LYS D 65 38.97 -1.96 -0.09
CA LYS D 65 40.41 -2.18 -0.28
C LYS D 65 40.95 -1.73 -1.69
N SER D 66 40.92 -0.39 -1.95
CA SER D 66 41.40 0.32 -3.15
C SER D 66 41.21 -0.44 -4.51
N ARG D 67 39.97 -0.79 -4.83
CA ARG D 67 39.62 -1.49 -6.08
C ARG D 67 38.60 -0.69 -6.90
N VAL D 68 37.91 0.27 -6.25
CA VAL D 68 36.88 1.07 -6.93
C VAL D 68 37.45 2.44 -7.37
N THR D 69 36.88 2.98 -8.46
CA THR D 69 37.10 4.30 -9.04
C THR D 69 35.73 4.83 -9.56
N ILE D 70 35.43 6.11 -9.26
CA ILE D 70 34.16 6.73 -9.66
C ILE D 70 34.45 7.99 -10.46
N SER D 71 33.97 8.04 -11.72
CA SER D 71 34.17 9.18 -12.64
C SER D 71 32.81 9.80 -12.99
N VAL D 72 32.83 11.01 -13.60
CA VAL D 72 31.66 11.82 -14.01
C VAL D 72 31.92 12.47 -15.37
N ASP D 73 30.94 12.43 -16.30
CA ASP D 73 31.01 13.09 -17.61
C ASP D 73 29.83 14.05 -17.70
N LYS D 74 30.12 15.36 -17.52
CA LYS D 74 29.13 16.42 -17.53
C LYS D 74 28.49 16.58 -18.89
N SER D 75 29.29 16.50 -19.97
CA SER D 75 28.80 16.61 -21.35
C SER D 75 27.69 15.54 -21.68
N LYS D 76 27.82 14.32 -21.14
CA LYS D 76 26.85 13.27 -21.39
C LYS D 76 25.80 13.08 -20.24
N ASN D 77 25.84 13.94 -19.20
CA ASN D 77 24.97 13.94 -18.01
C ASN D 77 24.93 12.57 -17.33
N GLN D 78 26.12 12.02 -17.10
CA GLN D 78 26.28 10.68 -16.54
C GLN D 78 27.51 10.51 -15.64
N PHE D 79 27.48 9.47 -14.81
CA PHE D 79 28.61 9.10 -13.95
C PHE D 79 28.80 7.61 -14.01
N SER D 80 30.01 7.14 -13.72
CA SER D 80 30.32 5.72 -13.90
C SER D 80 30.99 5.07 -12.72
N LEU D 81 31.09 3.72 -12.72
CA LEU D 81 31.76 2.94 -11.69
C LEU D 81 32.50 1.79 -12.33
N LYS D 82 33.79 1.70 -12.06
CA LYS D 82 34.61 0.60 -12.56
C LYS D 82 34.99 -0.28 -11.37
N VAL D 83 34.80 -1.58 -11.50
CA VAL D 83 35.18 -2.54 -10.47
C VAL D 83 36.19 -3.50 -11.06
N ASP D 84 37.36 -3.62 -10.42
CA ASP D 84 38.42 -4.50 -10.90
C ASP D 84 38.67 -5.70 -9.98
N SER D 85 39.40 -6.75 -10.47
CA SER D 85 39.74 -7.97 -9.71
C SER D 85 38.53 -8.56 -9.00
N VAL D 86 37.41 -8.70 -9.74
CA VAL D 86 36.13 -9.13 -9.18
C VAL D 86 36.10 -10.61 -8.83
N THR D 87 35.50 -10.89 -7.66
CA THR D 87 35.32 -12.24 -7.15
C THR D 87 33.85 -12.48 -6.97
N ALA D 88 33.45 -13.73 -6.66
CA ALA D 88 32.05 -14.11 -6.40
C ALA D 88 31.43 -13.20 -5.34
N ALA D 89 32.26 -12.70 -4.38
CA ALA D 89 31.86 -11.80 -3.30
C ALA D 89 31.36 -10.45 -3.83
N ASP D 90 31.71 -10.11 -5.08
CA ASP D 90 31.28 -8.85 -5.71
C ASP D 90 29.97 -9.04 -6.48
N THR D 91 29.38 -10.25 -6.41
CA THR D 91 28.09 -10.53 -7.03
C THR D 91 27.02 -9.84 -6.15
N ALA D 92 26.27 -8.89 -6.75
CA ALA D 92 25.28 -8.09 -6.06
C ALA D 92 24.39 -7.31 -7.06
N VAL D 93 23.41 -6.57 -6.49
CA VAL D 93 22.59 -5.60 -7.20
C VAL D 93 23.33 -4.25 -7.02
N TYR D 94 23.47 -3.47 -8.10
CA TYR D 94 24.15 -2.16 -8.02
C TYR D 94 23.21 -0.99 -8.31
N TYR D 95 23.13 -0.04 -7.37
CA TYR D 95 22.30 1.17 -7.47
C TYR D 95 23.12 2.44 -7.62
N CYS D 96 22.75 3.31 -8.57
CA CYS D 96 23.29 4.66 -8.61
C CYS D 96 22.30 5.57 -7.86
N ALA D 97 22.82 6.57 -7.13
CA ALA D 97 21.97 7.44 -6.31
C ALA D 97 22.50 8.86 -6.29
N ARG D 98 21.62 9.80 -5.89
CA ARG D 98 21.89 11.21 -5.72
C ARG D 98 21.78 11.60 -4.26
N ALA D 99 22.86 12.16 -3.73
CA ALA D 99 22.90 12.66 -2.35
C ALA D 99 22.82 14.21 -2.40
N SER D 100 21.90 14.74 -1.61
CA SER D 100 21.57 16.16 -1.60
C SER D 100 21.64 16.81 -0.24
N PRO D 101 22.01 18.12 -0.17
CA PRO D 101 22.02 18.80 1.13
C PRO D 101 20.61 19.24 1.53
N LEU D 102 19.74 18.28 1.91
CA LEU D 102 18.35 18.52 2.33
C LEU D 102 18.24 19.48 3.49
N LYS D 103 17.23 20.35 3.45
CA LYS D 103 17.01 21.34 4.49
C LYS D 103 15.64 21.23 5.13
N SER D 104 15.61 21.17 6.48
CA SER D 104 14.39 21.17 7.29
C SER D 104 13.95 22.60 7.10
N GLN D 105 13.18 22.86 6.04
CA GLN D 105 12.91 24.24 5.69
C GLN D 105 11.49 24.50 5.17
N ARG D 106 11.18 25.78 5.10
CA ARG D 106 9.96 26.36 4.58
C ARG D 106 10.53 27.49 3.71
N ASP D 107 9.76 28.56 3.48
CA ASP D 107 10.21 29.71 2.70
C ASP D 107 11.12 30.75 3.49
N THR D 108 12.49 30.69 3.36
CA THR D 108 13.35 31.64 4.10
C THR D 108 13.88 32.77 3.22
N ASP D 109 13.67 33.99 3.72
CA ASP D 109 14.11 35.28 3.17
C ASP D 109 15.67 35.30 3.13
N LEU D 110 16.30 35.25 4.33
CA LEU D 110 17.75 35.17 4.48
C LEU D 110 18.08 33.78 5.07
N PRO D 111 18.12 32.69 4.28
CA PRO D 111 18.47 31.38 4.87
C PRO D 111 19.93 31.33 5.30
N ARG D 112 20.23 30.59 6.37
CA ARG D 112 21.58 30.44 6.90
C ARG D 112 22.53 30.01 5.77
N PRO D 113 23.74 30.62 5.62
CA PRO D 113 24.62 30.17 4.54
C PRO D 113 25.36 28.87 4.86
N SER D 114 26.12 28.39 3.88
CA SER D 114 26.92 27.20 4.05
C SER D 114 28.35 27.45 3.61
N ILE D 115 29.29 26.72 4.26
CA ILE D 115 30.71 26.76 3.96
C ILE D 115 31.18 25.35 3.59
N SER D 116 31.95 25.26 2.49
CA SER D 116 32.53 24.03 1.96
C SER D 116 33.99 24.29 1.61
N ALA D 117 34.80 23.22 1.44
CA ALA D 117 36.22 23.32 1.06
C ALA D 117 36.54 22.37 -0.11
N GLU D 118 37.30 22.88 -1.11
CA GLU D 118 37.70 22.10 -2.27
C GLU D 118 39.21 22.15 -2.45
N PRO D 119 39.95 21.02 -2.58
CA PRO D 119 39.48 19.61 -2.63
C PRO D 119 38.99 19.03 -1.31
N GLY D 120 39.51 19.53 -0.20
CA GLY D 120 39.15 19.05 1.12
C GLY D 120 39.59 19.96 2.24
N THR D 121 39.52 19.41 3.45
CA THR D 121 39.85 20.11 4.69
C THR D 121 41.20 19.70 5.25
N VAL D 122 41.84 18.68 4.65
CA VAL D 122 43.16 18.22 5.06
C VAL D 122 44.07 18.48 3.86
N ILE D 123 44.74 19.64 3.87
CA ILE D 123 45.56 20.09 2.75
C ILE D 123 47.06 19.95 3.04
N PRO D 124 47.85 19.33 2.13
CA PRO D 124 49.30 19.23 2.37
C PRO D 124 49.95 20.61 2.31
N LEU D 125 51.00 20.81 3.10
CA LEU D 125 51.76 22.06 3.19
C LEU D 125 52.20 22.57 1.82
N GLY D 126 52.02 23.86 1.59
CA GLY D 126 52.36 24.49 0.32
C GLY D 126 51.31 24.43 -0.77
N SER D 127 50.35 23.49 -0.66
CA SER D 127 49.29 23.28 -1.63
C SER D 127 48.12 24.29 -1.46
N HIS D 128 47.20 24.37 -2.44
CA HIS D 128 46.05 25.29 -2.44
C HIS D 128 44.75 24.72 -1.88
N VAL D 129 43.78 25.61 -1.59
CA VAL D 129 42.42 25.29 -1.12
C VAL D 129 41.49 26.47 -1.45
N THR D 130 40.22 26.16 -1.75
CA THR D 130 39.18 27.15 -2.06
C THR D 130 37.96 26.92 -1.17
N PHE D 131 37.47 27.99 -0.50
CA PHE D 131 36.23 27.93 0.28
C PHE D 131 35.11 28.40 -0.61
N VAL D 132 33.98 27.70 -0.58
CA VAL D 132 32.78 28.00 -1.38
C VAL D 132 31.68 28.35 -0.38
N CYS D 133 31.24 29.62 -0.38
CA CYS D 133 30.16 30.14 0.47
C CYS D 133 28.94 30.08 -0.37
N ARG D 134 27.88 29.42 0.13
CA ARG D 134 26.60 29.24 -0.58
C ARG D 134 25.46 29.93 0.16
N GLY D 135 24.64 30.66 -0.59
CA GLY D 135 23.50 31.39 -0.05
C GLY D 135 22.39 31.53 -1.05
N PRO D 136 21.34 32.33 -0.78
CA PRO D 136 20.26 32.46 -1.76
C PRO D 136 20.67 33.27 -2.99
N VAL D 137 19.78 33.38 -3.98
CA VAL D 137 20.00 34.21 -5.16
C VAL D 137 19.84 35.72 -4.73
N GLY D 138 20.66 36.59 -5.29
CA GLY D 138 20.56 38.02 -5.05
C GLY D 138 21.42 38.57 -3.94
N VAL D 139 22.48 37.84 -3.55
CA VAL D 139 23.44 38.26 -2.53
C VAL D 139 24.33 39.29 -3.20
N GLN D 140 24.60 40.42 -2.54
CA GLN D 140 25.50 41.41 -3.13
C GLN D 140 26.94 41.27 -2.62
N THR D 141 27.13 40.81 -1.36
CA THR D 141 28.45 40.60 -0.75
C THR D 141 28.50 39.32 0.11
N PHE D 142 29.56 38.48 -0.07
CA PHE D 142 29.84 37.30 0.76
C PHE D 142 31.10 37.57 1.59
N ARG D 143 31.10 37.16 2.87
CA ARG D 143 32.23 37.34 3.76
C ARG D 143 32.72 36.04 4.30
N LEU D 144 34.03 35.78 4.16
CA LEU D 144 34.72 34.64 4.74
C LEU D 144 35.36 35.16 6.00
N GLU D 145 35.22 34.44 7.12
CA GLU D 145 35.75 34.80 8.42
C GLU D 145 36.67 33.69 9.01
N ARG D 146 37.57 34.07 9.94
CA ARG D 146 38.50 33.18 10.62
C ARG D 146 38.46 33.47 12.12
N GLU D 147 38.24 32.41 12.96
CA GLU D 147 38.18 32.48 14.44
C GLU D 147 39.38 33.19 15.06
N ARG D 148 40.60 32.92 14.57
CA ARG D 148 41.84 33.55 15.06
C ARG D 148 41.96 35.02 14.61
N ASN D 149 42.03 35.94 15.60
CA ASN D 149 42.14 37.42 15.47
C ASN D 149 40.96 38.05 14.68
N TYR D 150 39.82 37.30 14.59
CA TYR D 150 38.58 37.62 13.88
C TYR D 150 38.86 38.47 12.65
N LEU D 151 39.52 37.83 11.69
CA LEU D 151 39.90 38.41 10.42
C LEU D 151 38.82 38.01 9.42
N TYR D 152 38.53 38.91 8.47
CA TYR D 152 37.55 38.69 7.43
C TYR D 152 38.03 39.14 6.06
N SER D 153 37.34 38.68 5.01
CA SER D 153 37.57 39.01 3.61
C SER D 153 36.20 39.04 2.91
N ASP D 154 35.94 40.13 2.18
CA ASP D 154 34.71 40.42 1.45
C ASP D 154 34.90 40.25 -0.05
N THR D 155 33.82 39.87 -0.75
CA THR D 155 33.80 39.69 -2.21
C THR D 155 32.39 40.00 -2.80
N GLU D 156 32.37 40.80 -3.88
CA GLU D 156 31.17 41.11 -4.68
C GLU D 156 31.27 40.29 -5.99
N ASP D 157 32.20 39.31 -6.01
CA ASP D 157 32.38 38.39 -7.14
C ASP D 157 31.45 37.20 -6.89
N VAL D 158 30.12 37.44 -7.11
CA VAL D 158 29.02 36.50 -6.85
C VAL D 158 28.46 35.89 -8.15
N SER D 159 28.10 34.60 -8.09
CA SER D 159 27.62 33.84 -9.24
C SER D 159 26.35 33.07 -8.92
N GLN D 160 25.33 33.23 -9.80
CA GLN D 160 24.12 32.43 -9.66
C GLN D 160 24.42 31.06 -10.26
N THR D 161 24.02 29.98 -9.57
CA THR D 161 24.31 28.62 -10.04
C THR D 161 23.05 27.78 -10.26
N SER D 162 21.93 28.12 -9.60
CA SER D 162 20.63 27.45 -9.73
C SER D 162 19.57 28.54 -9.57
N PRO D 163 18.26 28.31 -9.89
CA PRO D 163 17.28 29.42 -9.76
C PRO D 163 17.01 29.89 -8.31
N SER D 164 17.56 29.14 -7.33
CA SER D 164 17.46 29.36 -5.88
C SER D 164 18.79 29.70 -5.15
N GLU D 165 19.99 29.62 -5.79
CA GLU D 165 21.24 29.92 -5.08
C GLU D 165 22.34 30.66 -5.88
N SER D 166 23.17 31.40 -5.13
CA SER D 166 24.36 32.10 -5.60
C SER D 166 25.52 31.74 -4.69
N GLU D 167 26.74 31.97 -5.16
CA GLU D 167 27.88 31.61 -4.35
C GLU D 167 29.09 32.51 -4.55
N ALA D 168 30.09 32.36 -3.66
CA ALA D 168 31.37 33.04 -3.72
C ALA D 168 32.46 32.04 -3.43
N ARG D 169 33.64 32.26 -4.06
CA ARG D 169 34.80 31.39 -3.86
C ARG D 169 35.96 32.20 -3.35
N PHE D 170 36.69 31.65 -2.36
CA PHE D 170 37.85 32.27 -1.71
C PHE D 170 39.04 31.30 -1.76
N ARG D 171 40.06 31.60 -2.60
CA ARG D 171 41.25 30.78 -2.83
C ARG D 171 42.49 31.18 -2.01
N ILE D 172 43.15 30.17 -1.42
CA ILE D 172 44.44 30.27 -0.72
C ILE D 172 45.40 29.40 -1.58
N ASP D 173 46.17 30.04 -2.48
CA ASP D 173 47.11 29.39 -3.42
C ASP D 173 48.12 28.48 -2.75
N SER D 174 48.69 28.92 -1.60
CA SER D 174 49.69 28.14 -0.86
C SER D 174 49.49 28.22 0.67
N VAL D 175 48.86 27.18 1.21
CA VAL D 175 48.55 27.04 2.62
C VAL D 175 49.84 26.82 3.48
N ASN D 176 49.83 27.35 4.74
CA ASN D 176 50.89 27.24 5.76
C ASN D 176 50.24 26.86 7.11
N ALA D 177 51.05 26.60 8.17
CA ALA D 177 50.55 26.25 9.51
C ALA D 177 49.58 27.33 10.04
N GLY D 178 49.95 28.61 9.83
CA GLY D 178 49.14 29.75 10.23
C GLY D 178 47.86 29.98 9.44
N ASN D 179 47.54 29.07 8.50
CA ASN D 179 46.33 29.12 7.66
C ASN D 179 45.31 28.12 8.18
N ALA D 180 45.78 27.12 8.94
CA ALA D 180 44.94 26.11 9.55
C ALA D 180 44.10 26.77 10.65
N GLY D 181 42.85 26.34 10.76
CA GLY D 181 41.92 26.86 11.75
C GLY D 181 40.46 26.64 11.39
N LEU D 182 39.59 27.42 12.04
CA LEU D 182 38.15 27.39 11.84
C LEU D 182 37.70 28.56 10.98
N PHE D 183 36.87 28.28 9.96
CA PHE D 183 36.38 29.28 9.00
C PHE D 183 34.85 29.29 8.87
N ARG D 184 34.25 30.46 8.57
CA ARG D 184 32.80 30.57 8.36
C ARG D 184 32.45 31.55 7.23
N CYS D 185 31.15 31.67 6.90
CA CYS D 185 30.52 32.48 5.85
C CYS D 185 29.37 33.31 6.43
N ILE D 186 29.21 34.50 5.89
CA ILE D 186 28.10 35.40 6.22
C ILE D 186 27.86 36.22 4.95
N TYR D 187 26.60 36.53 4.64
CA TYR D 187 26.34 37.33 3.44
C TYR D 187 25.47 38.57 3.70
N TYR D 188 25.62 39.57 2.84
CA TYR D 188 24.81 40.78 2.87
C TYR D 188 23.86 40.75 1.67
N LYS D 189 22.56 40.93 1.97
CA LYS D 189 21.47 40.96 1.01
C LYS D 189 20.34 41.84 1.59
N SER D 190 19.74 42.69 0.74
CA SER D 190 18.61 43.58 1.06
C SER D 190 18.73 44.35 2.40
N ARG D 191 19.81 45.15 2.54
CA ARG D 191 20.12 46.02 3.70
C ARG D 191 20.24 45.26 5.03
N LYS D 192 20.51 43.93 4.95
CA LYS D 192 20.60 43.02 6.10
C LYS D 192 21.77 42.02 5.98
N TRP D 193 22.29 41.55 7.13
CA TRP D 193 23.32 40.50 7.19
C TRP D 193 22.66 39.19 7.63
N SER D 194 23.05 38.05 7.05
CA SER D 194 22.51 36.73 7.41
C SER D 194 23.01 36.21 8.79
N GLU D 195 22.51 35.03 9.25
CA GLU D 195 23.05 34.38 10.44
C GLU D 195 24.38 33.80 9.93
N GLN D 196 25.42 33.79 10.77
CA GLN D 196 26.72 33.24 10.37
C GLN D 196 26.58 31.74 10.18
N SER D 197 27.38 31.17 9.26
CA SER D 197 27.34 29.73 9.04
C SER D 197 28.06 29.00 10.19
N ASP D 198 28.04 27.66 10.17
CA ASP D 198 28.74 26.88 11.19
C ASP D 198 30.22 26.92 10.80
N TYR D 199 31.11 26.67 11.76
CA TYR D 199 32.53 26.63 11.48
C TYR D 199 32.94 25.33 10.74
N LEU D 200 34.06 25.38 10.03
CA LEU D 200 34.57 24.21 9.31
C LEU D 200 36.03 24.20 9.56
N GLU D 201 36.56 23.10 10.15
CA GLU D 201 37.99 23.02 10.45
C GLU D 201 38.83 22.70 9.21
N LEU D 202 39.92 23.45 9.01
CA LEU D 202 40.92 23.25 7.96
C LEU D 202 42.25 22.85 8.62
N VAL D 203 42.79 21.68 8.26
CA VAL D 203 44.07 21.16 8.78
C VAL D 203 45.12 21.17 7.66
N VAL D 204 46.36 21.51 8.01
CA VAL D 204 47.51 21.54 7.10
C VAL D 204 48.47 20.48 7.60
N LYS D 205 48.54 19.33 6.89
CA LYS D 205 49.38 18.20 7.30
C LYS D 205 50.86 18.37 6.94
N ALA D 222 33.93 16.68 15.63
CA ALA D 222 33.29 15.62 16.41
C ALA D 222 33.55 14.23 15.83
N CYS D 223 33.76 14.19 14.50
CA CYS D 223 34.10 13.00 13.75
C CYS D 223 35.51 12.78 14.10
N PRO D 224 35.98 11.56 13.89
CA PRO D 224 37.39 11.30 14.11
C PRO D 224 38.19 11.34 12.78
N GLN D 225 39.53 11.13 12.90
CA GLN D 225 40.59 11.12 11.88
C GLN D 225 40.26 10.35 10.62
N GLY D 226 40.41 11.03 9.48
CA GLY D 226 40.15 10.44 8.18
C GLY D 226 38.70 10.57 7.76
N GLU D 227 37.85 11.02 8.69
CA GLU D 227 36.44 11.18 8.44
C GLU D 227 36.09 12.57 8.73
N LEU D 228 37.06 13.41 8.42
CA LEU D 228 36.91 14.84 8.58
C LEU D 228 35.97 15.40 7.49
N PRO D 229 34.86 16.11 7.88
CA PRO D 229 33.95 16.70 6.89
C PRO D 229 34.59 17.80 6.05
N ILE D 230 34.00 18.03 4.87
CA ILE D 230 34.48 19.05 3.94
C ILE D 230 33.38 20.11 3.68
N SER D 231 32.25 20.04 4.45
CA SER D 231 31.10 20.96 4.37
C SER D 231 30.29 21.00 5.67
N THR D 232 29.55 22.10 5.89
CA THR D 232 28.63 22.27 7.04
C THR D 232 27.27 21.64 6.74
N ASP D 233 27.00 21.41 5.44
CA ASP D 233 25.78 20.79 4.90
C ASP D 233 25.95 19.28 4.94
N ILE D 234 24.88 18.55 5.35
CA ILE D 234 24.85 17.08 5.40
C ILE D 234 24.12 16.55 4.16
N TYR D 235 24.81 15.68 3.42
CA TYR D 235 24.22 15.14 2.20
C TYR D 235 23.51 13.82 2.44
N TYR D 236 22.26 13.74 1.94
CA TYR D 236 21.37 12.59 2.07
C TYR D 236 20.88 12.09 0.69
N VAL D 237 20.93 10.76 0.45
CA VAL D 237 20.38 10.13 -0.76
C VAL D 237 18.86 10.35 -0.78
N ASP D 238 18.36 11.13 -1.76
CA ASP D 238 16.94 11.40 -1.87
C ASP D 238 16.34 10.77 -3.13
N VAL D 239 17.18 10.25 -4.05
CA VAL D 239 16.78 9.61 -5.31
C VAL D 239 17.65 8.36 -5.56
N TRP D 240 16.99 7.23 -5.83
CA TRP D 240 17.63 5.97 -6.15
C TRP D 240 17.23 5.50 -7.53
N GLY D 241 18.15 4.81 -8.20
CA GLY D 241 17.89 4.15 -9.46
C GLY D 241 17.22 2.83 -9.08
N ASN D 242 16.57 2.15 -10.06
CA ASN D 242 15.89 0.88 -9.77
C ASN D 242 16.87 -0.28 -9.62
N GLY D 243 18.13 -0.10 -10.00
CA GLY D 243 19.20 -1.10 -9.85
C GLY D 243 19.51 -2.02 -11.04
N THR D 244 20.74 -2.55 -11.06
CA THR D 244 21.16 -3.51 -12.09
C THR D 244 21.87 -4.68 -11.45
N THR D 245 21.44 -5.87 -11.84
CA THR D 245 21.99 -7.09 -11.26
C THR D 245 23.24 -7.49 -11.99
N VAL D 246 24.33 -7.72 -11.25
CA VAL D 246 25.61 -8.16 -11.82
C VAL D 246 26.00 -9.48 -11.21
N THR D 247 26.34 -10.44 -12.07
CA THR D 247 26.77 -11.77 -11.67
C THR D 247 28.26 -11.95 -12.02
N VAL D 248 29.10 -12.30 -11.01
CA VAL D 248 30.55 -12.53 -11.16
C VAL D 248 30.87 -14.07 -11.18
N SER D 249 31.11 -14.65 -12.39
CA SER D 249 31.45 -16.07 -12.54
C SER D 249 32.27 -16.39 -13.80
N SER D 250 33.29 -17.27 -13.62
CA SER D 250 34.16 -17.72 -14.71
C SER D 250 33.50 -18.89 -15.47
N ALA D 251 32.25 -19.25 -15.07
CA ALA D 251 31.42 -20.32 -15.63
C ALA D 251 31.03 -20.12 -17.10
N LYS D 252 30.45 -21.16 -17.68
CA LYS D 252 30.03 -21.24 -19.07
C LYS D 252 28.54 -21.46 -19.14
N THR D 253 27.89 -21.01 -20.25
CA THR D 253 26.46 -21.24 -20.46
C THR D 253 26.25 -22.75 -20.57
N THR D 254 25.49 -23.31 -19.61
CA THR D 254 25.12 -24.73 -19.57
C THR D 254 23.59 -24.82 -19.34
N PRO D 255 22.85 -25.65 -20.11
CA PRO D 255 21.40 -25.77 -19.92
C PRO D 255 21.11 -26.64 -18.70
N PRO D 256 19.92 -26.57 -18.08
CA PRO D 256 19.67 -27.40 -16.88
C PRO D 256 19.34 -28.88 -17.15
N SER D 257 19.55 -29.72 -16.13
CA SER D 257 19.16 -31.13 -16.08
C SER D 257 17.92 -31.10 -15.19
N VAL D 258 16.78 -31.56 -15.71
CA VAL D 258 15.51 -31.56 -14.99
C VAL D 258 15.19 -32.98 -14.52
N TYR D 259 15.12 -33.17 -13.18
CA TYR D 259 14.83 -34.48 -12.60
C TYR D 259 13.50 -34.48 -11.84
N PRO D 260 12.61 -35.46 -12.10
CA PRO D 260 11.33 -35.47 -11.40
C PRO D 260 11.43 -35.97 -9.95
N LEU D 261 10.58 -35.43 -9.07
CA LEU D 261 10.52 -35.80 -7.65
C LEU D 261 9.18 -36.43 -7.34
N ALA D 262 9.18 -37.77 -7.17
CA ALA D 262 8.01 -38.60 -6.88
C ALA D 262 8.01 -39.07 -5.43
N PRO D 263 6.84 -38.98 -4.74
CA PRO D 263 6.74 -39.45 -3.33
C PRO D 263 7.34 -40.83 -3.07
N ASN D 270 -2.19 -37.69 2.73
CA ASN D 270 -3.06 -38.63 2.03
C ASN D 270 -4.10 -37.93 1.13
N SER D 271 -4.84 -36.89 1.64
CA SER D 271 -5.85 -36.07 0.93
C SER D 271 -5.18 -35.15 -0.09
N MET D 272 -3.92 -34.76 0.21
CA MET D 272 -3.06 -33.91 -0.62
C MET D 272 -1.70 -34.58 -0.84
N VAL D 273 -1.08 -34.31 -2.00
CA VAL D 273 0.21 -34.85 -2.40
C VAL D 273 1.12 -33.75 -2.93
N THR D 274 2.40 -33.78 -2.48
CA THR D 274 3.44 -32.86 -2.91
C THR D 274 4.39 -33.58 -3.85
N LEU D 275 4.53 -33.02 -5.05
CA LEU D 275 5.42 -33.47 -6.12
C LEU D 275 6.42 -32.32 -6.34
N GLY D 276 7.46 -32.57 -7.10
CA GLY D 276 8.44 -31.54 -7.36
C GLY D 276 9.27 -31.77 -8.59
N CYS D 277 10.25 -30.89 -8.79
CA CYS D 277 11.21 -30.98 -9.87
C CYS D 277 12.53 -30.45 -9.38
N LEU D 278 13.64 -31.12 -9.74
CA LEU D 278 14.99 -30.70 -9.39
C LEU D 278 15.61 -30.19 -10.67
N VAL D 279 16.04 -28.92 -10.67
CA VAL D 279 16.64 -28.22 -11.81
C VAL D 279 18.10 -28.00 -11.43
N LYS D 280 18.97 -28.89 -11.89
CA LYS D 280 20.40 -28.97 -11.56
C LYS D 280 21.39 -28.61 -12.68
N GLY D 281 22.46 -27.95 -12.26
CA GLY D 281 23.62 -27.61 -13.07
C GLY D 281 23.39 -26.71 -14.26
N TYR D 282 22.78 -25.56 -14.06
CA TYR D 282 22.60 -24.60 -15.16
C TYR D 282 23.35 -23.29 -14.94
N PHE D 283 23.62 -22.56 -16.04
CA PHE D 283 24.25 -21.25 -15.99
C PHE D 283 23.87 -20.39 -17.19
N PRO D 284 23.52 -19.10 -16.99
CA PRO D 284 23.40 -18.37 -15.72
C PRO D 284 21.96 -18.32 -15.23
N GLU D 285 21.67 -17.43 -14.28
CA GLU D 285 20.31 -17.20 -13.86
C GLU D 285 19.68 -16.27 -14.90
N PRO D 286 18.33 -16.30 -15.07
CA PRO D 286 17.35 -17.13 -14.35
C PRO D 286 16.89 -18.39 -15.11
N VAL D 287 15.96 -19.10 -14.48
CA VAL D 287 15.22 -20.24 -15.03
C VAL D 287 13.73 -19.96 -14.72
N THR D 288 12.83 -20.37 -15.62
CA THR D 288 11.39 -20.22 -15.40
C THR D 288 10.74 -21.60 -15.27
N VAL D 289 10.09 -21.84 -14.12
CA VAL D 289 9.41 -23.10 -13.82
C VAL D 289 7.93 -22.89 -13.67
N THR D 290 7.14 -23.61 -14.46
CA THR D 290 5.68 -23.60 -14.40
C THR D 290 5.18 -25.03 -14.26
N TRP D 291 3.90 -25.20 -13.93
CA TRP D 291 3.30 -26.51 -13.74
C TRP D 291 2.00 -26.56 -14.51
N ASN D 292 1.91 -27.53 -15.43
CA ASN D 292 0.76 -27.74 -16.32
C ASN D 292 0.50 -26.47 -17.13
N SER D 293 1.60 -25.90 -17.67
CA SER D 293 1.67 -24.68 -18.51
C SER D 293 1.00 -23.45 -17.86
N GLY D 294 1.09 -23.39 -16.52
CA GLY D 294 0.53 -22.32 -15.70
C GLY D 294 -0.82 -22.63 -15.08
N SER D 295 -1.52 -23.70 -15.56
CA SER D 295 -2.85 -24.10 -15.06
C SER D 295 -2.85 -24.44 -13.56
N LEU D 296 -1.73 -24.98 -13.04
CA LEU D 296 -1.50 -25.28 -11.63
C LEU D 296 -0.59 -24.17 -11.10
N SER D 297 -1.11 -23.27 -10.25
CA SER D 297 -0.27 -22.17 -9.75
C SER D 297 -0.36 -21.89 -8.25
N SER D 298 -1.51 -22.19 -7.62
CA SER D 298 -1.82 -21.94 -6.22
C SER D 298 -0.82 -22.52 -5.17
N GLY D 299 -0.45 -23.81 -5.30
CA GLY D 299 0.40 -24.53 -4.36
C GLY D 299 1.81 -24.87 -4.81
N VAL D 300 2.39 -23.96 -5.57
CA VAL D 300 3.72 -24.03 -6.14
C VAL D 300 4.64 -23.17 -5.29
N HIS D 301 5.78 -23.76 -4.88
CA HIS D 301 6.86 -23.07 -4.16
C HIS D 301 8.08 -23.28 -4.99
N THR D 302 8.67 -22.22 -5.51
CA THR D 302 9.92 -22.36 -6.24
C THR D 302 10.95 -21.72 -5.35
N PHE D 303 11.99 -22.47 -5.02
CA PHE D 303 13.02 -22.08 -4.08
C PHE D 303 14.16 -21.30 -4.69
N PRO D 304 14.81 -20.38 -3.93
CA PRO D 304 15.94 -19.64 -4.52
C PRO D 304 17.11 -20.56 -4.88
N ALA D 305 17.81 -20.31 -5.99
CA ALA D 305 18.95 -21.14 -6.43
C ALA D 305 20.18 -21.05 -5.53
N VAL D 306 20.85 -22.20 -5.31
CA VAL D 306 22.12 -22.26 -4.57
C VAL D 306 23.26 -22.52 -5.55
N LEU D 307 24.48 -22.14 -5.16
CA LEU D 307 25.66 -22.30 -6.00
C LEU D 307 26.34 -23.63 -5.71
N GLN D 308 26.13 -24.61 -6.61
CA GLN D 308 26.64 -26.00 -6.57
C GLN D 308 27.89 -26.16 -7.47
N SER D 309 29.06 -25.77 -6.93
CA SER D 309 30.39 -25.81 -7.56
C SER D 309 30.44 -25.05 -8.91
N ASP D 310 30.09 -23.76 -8.88
CA ASP D 310 30.06 -22.80 -10.00
C ASP D 310 28.93 -23.08 -11.05
N LEU D 311 27.88 -23.81 -10.65
CA LEU D 311 26.68 -24.07 -11.44
C LEU D 311 25.49 -23.95 -10.51
N TYR D 312 24.32 -23.58 -11.05
CA TYR D 312 23.13 -23.36 -10.24
C TYR D 312 22.23 -24.56 -10.13
N THR D 313 21.53 -24.68 -8.99
CA THR D 313 20.57 -25.73 -8.70
C THR D 313 19.37 -25.12 -7.96
N LEU D 314 18.15 -25.48 -8.35
CA LEU D 314 16.94 -25.13 -7.65
C LEU D 314 15.91 -26.26 -7.72
N SER D 315 14.90 -26.20 -6.84
CA SER D 315 13.78 -27.14 -6.72
C SER D 315 12.48 -26.34 -6.71
N SER D 316 11.42 -26.93 -7.23
CA SER D 316 10.10 -26.32 -7.30
C SER D 316 9.08 -27.38 -6.94
N SER D 317 8.31 -27.13 -5.89
CA SER D 317 7.28 -28.05 -5.38
C SER D 317 5.87 -27.61 -5.81
N VAL D 318 4.96 -28.60 -6.00
CA VAL D 318 3.54 -28.41 -6.32
C VAL D 318 2.68 -29.30 -5.38
N THR D 319 1.61 -28.73 -4.79
CA THR D 319 0.69 -29.47 -3.92
C THR D 319 -0.67 -29.59 -4.61
N VAL D 320 -1.09 -30.86 -4.87
CA VAL D 320 -2.36 -31.20 -5.53
C VAL D 320 -3.19 -32.20 -4.68
N PRO D 321 -4.55 -32.30 -4.86
CA PRO D 321 -5.33 -33.33 -4.13
C PRO D 321 -5.01 -34.74 -4.65
N SER D 322 -5.06 -35.76 -3.76
CA SER D 322 -4.78 -37.17 -4.09
C SER D 322 -5.70 -37.75 -5.19
N SER D 323 -6.87 -37.11 -5.39
CA SER D 323 -7.88 -37.50 -6.39
C SER D 323 -7.41 -37.18 -7.81
N THR D 324 -6.51 -36.19 -7.96
CA THR D 324 -6.02 -35.73 -9.26
C THR D 324 -4.69 -36.37 -9.72
N TRP D 325 -3.96 -37.09 -8.82
CA TRP D 325 -2.69 -37.72 -9.16
C TRP D 325 -2.56 -39.08 -8.44
N PRO D 326 -2.17 -40.19 -9.12
CA PRO D 326 -1.65 -40.31 -10.49
C PRO D 326 -2.68 -40.37 -11.64
N SER D 327 -3.99 -40.31 -11.35
CA SER D 327 -5.09 -40.32 -12.35
C SER D 327 -4.92 -39.28 -13.48
N GLU D 328 -4.35 -38.11 -13.18
CA GLU D 328 -4.08 -37.05 -14.16
C GLU D 328 -2.59 -36.71 -14.19
N THR D 329 -2.08 -36.31 -15.35
CA THR D 329 -0.68 -36.00 -15.54
C THR D 329 -0.31 -34.65 -14.95
N VAL D 330 0.82 -34.63 -14.25
CA VAL D 330 1.41 -33.44 -13.67
C VAL D 330 2.78 -33.31 -14.31
N THR D 331 3.02 -32.21 -15.01
CA THR D 331 4.27 -31.97 -15.70
C THR D 331 4.84 -30.62 -15.27
N CYS D 332 6.16 -30.54 -15.06
CA CYS D 332 6.87 -29.30 -14.76
C CYS D 332 7.54 -28.80 -16.03
N ASN D 333 7.33 -27.54 -16.35
CA ASN D 333 7.89 -26.93 -17.55
C ASN D 333 9.04 -26.02 -17.14
N VAL D 334 10.27 -26.38 -17.57
CA VAL D 334 11.51 -25.66 -17.25
C VAL D 334 12.10 -24.96 -18.48
N ALA D 335 12.14 -23.61 -18.44
CA ALA D 335 12.66 -22.78 -19.52
C ALA D 335 13.95 -22.09 -19.08
N HIS D 336 14.98 -22.16 -19.94
CA HIS D 336 16.26 -21.50 -19.71
C HIS D 336 16.50 -20.56 -20.91
N PRO D 337 16.11 -19.26 -20.78
CA PRO D 337 16.25 -18.32 -21.91
C PRO D 337 17.66 -18.19 -22.51
N ALA D 338 18.69 -18.14 -21.65
CA ALA D 338 20.10 -18.02 -22.01
C ALA D 338 20.59 -19.11 -22.98
N SER D 339 20.28 -20.39 -22.70
CA SER D 339 20.67 -21.50 -23.58
C SER D 339 19.60 -21.78 -24.63
N SER D 340 18.44 -21.07 -24.54
CA SER D 340 17.24 -21.18 -25.41
C SER D 340 16.57 -22.58 -25.32
N THR D 341 16.72 -23.26 -24.16
CA THR D 341 16.11 -24.58 -23.88
C THR D 341 14.79 -24.45 -23.10
N LYS D 342 13.81 -25.31 -23.45
CA LYS D 342 12.47 -25.41 -22.85
C LYS D 342 12.10 -26.90 -22.78
N VAL D 343 12.12 -27.45 -21.53
CA VAL D 343 11.93 -28.88 -21.18
C VAL D 343 10.63 -29.13 -20.40
N ASP D 344 9.99 -30.28 -20.62
CA ASP D 344 8.80 -30.73 -19.90
C ASP D 344 9.11 -32.12 -19.24
N LYS D 345 8.79 -32.29 -17.94
CA LYS D 345 9.05 -33.54 -17.26
C LYS D 345 7.81 -34.00 -16.52
N LYS D 346 7.26 -35.18 -16.91
CA LYS D 346 6.06 -35.82 -16.37
C LYS D 346 6.38 -36.53 -15.07
N ILE D 347 5.51 -36.40 -14.05
CA ILE D 347 5.77 -37.02 -12.76
C ILE D 347 5.02 -38.34 -12.70
N VAL D 348 5.76 -39.46 -12.88
CA VAL D 348 5.25 -40.84 -12.86
C VAL D 348 5.43 -41.44 -11.43
N PRO D 349 4.47 -42.25 -10.92
CA PRO D 349 4.62 -42.78 -9.55
C PRO D 349 5.65 -43.90 -9.38
N ARG D 350 5.91 -44.27 -8.11
CA ARG D 350 6.84 -45.33 -7.69
C ARG D 350 6.05 -46.46 -7.01
N ASP D 351 6.68 -47.62 -6.75
CA ASP D 351 6.01 -48.73 -6.04
C ASP D 351 6.32 -48.74 -4.54
#